data_8X8Z
#
_entry.id   8X8Z
#
_cell.length_a   53.612
_cell.length_b   135.503
_cell.length_c   148.930
_cell.angle_alpha   90.00
_cell.angle_beta   90.00
_cell.angle_gamma   90.00
#
_symmetry.space_group_name_H-M   'P 21 21 21'
#
loop_
_entity.id
_entity.type
_entity.pdbx_description
1 polymer 'Rho-associated protein kinase 2'
2 non-polymer ~{N}-methyl-3-[[6-(3-methyl-1,2-oxazol-4-yl)-1-oxidanylidene-isoquinolin-2-yl]methyl]benzamide
3 non-polymer 'SULFATE ION'
4 water water
#
_entity_poly.entity_id   1
_entity_poly.type   'polypeptide(L)'
_entity_poly.pdbx_seq_one_letter_code
;QRKLEALIRDPRSPINVESLLDGLNSLVLDLDFPALRKNKNIDNFLNRYEKIVKKIRGLQMKAEDYDVVKVIGRGAFGEV
QLVRHKASQKVYAMKLLSKFEMIKRSDSAFFWEERDIMAFANSPWVVQLFYAFQDDRYLYMVMEYMPGGDLVNLMSNYDV
PEKWAKFYTAEVVLALDAIHSMGLIHRDVKPDNMLLDKHGHLKLADFGTCMKMDETGMVHCDTAVGTPDYISPEVLKSQG
GDGFYGRECDWWSVGVFLYEMLVGDTPFYADSLVGTYSKIMDHKNSLCFPEDAEISKHAKNLICAFLTDREVRLGRNGVE
EIRQHPFFKNDQWHWDNIRETAAPVVPELSSDIDSSNFDDIEDDKGDVETFPIPKAFVGNQLPFIGFTYYR
;
_entity_poly.pdbx_strand_id   A,B
#
# COMPACT_ATOMS: atom_id res chain seq x y z
N GLU A 5 24.86 -3.65 42.01
CA GLU A 5 24.14 -4.81 42.51
C GLU A 5 22.67 -4.48 42.63
N ALA A 6 22.39 -3.18 42.76
CA ALA A 6 21.01 -2.73 42.71
C ALA A 6 20.47 -2.86 41.30
N LEU A 7 21.30 -2.55 40.30
CA LEU A 7 20.88 -2.68 38.90
C LEU A 7 20.77 -4.14 38.46
N ILE A 8 21.47 -5.08 39.10
CA ILE A 8 21.26 -6.47 38.72
C ILE A 8 19.84 -6.90 39.12
N ARG A 9 19.31 -6.35 40.21
CA ARG A 9 17.96 -6.65 40.65
C ARG A 9 16.90 -5.71 40.06
N ASP A 10 17.31 -4.59 39.47
CA ASP A 10 16.37 -3.58 38.97
C ASP A 10 15.75 -4.03 37.63
N PRO A 11 14.44 -4.27 37.56
CA PRO A 11 13.85 -4.71 36.28
C PRO A 11 13.94 -3.69 35.16
N ARG A 12 14.21 -2.42 35.47
CA ARG A 12 14.47 -1.37 34.48
C ARG A 12 15.93 -1.33 34.01
N SER A 13 16.84 -2.02 34.70
CA SER A 13 18.25 -1.95 34.38
C SER A 13 18.58 -2.69 33.07
N PRO A 14 19.53 -2.17 32.29
CA PRO A 14 20.05 -2.96 31.16
C PRO A 14 20.95 -4.11 31.59
N ILE A 15 21.44 -4.13 32.82
CA ILE A 15 22.31 -5.22 33.25
C ILE A 15 21.67 -6.01 34.41
N ASN A 16 20.38 -6.27 34.31
CA ASN A 16 19.80 -7.22 35.26
C ASN A 16 19.99 -8.64 34.74
N VAL A 17 19.57 -9.62 35.56
CA VAL A 17 19.82 -11.04 35.26
C VAL A 17 19.24 -11.42 33.90
N GLU A 18 18.07 -10.88 33.57
CA GLU A 18 17.43 -11.24 32.32
C GLU A 18 18.21 -10.73 31.11
N SER A 19 18.87 -9.57 31.24
CA SER A 19 19.60 -9.09 30.09
C SER A 19 20.93 -9.80 29.98
N LEU A 20 21.54 -10.12 31.11
CA LEU A 20 22.74 -10.94 31.10
C LEU A 20 22.46 -12.28 30.47
N LEU A 21 21.34 -12.92 30.82
CA LEU A 21 21.01 -14.19 30.18
C LEU A 21 20.75 -14.00 28.68
N ASP A 22 20.10 -12.90 28.30
CA ASP A 22 19.92 -12.61 26.88
C ASP A 22 21.27 -12.47 26.19
N GLY A 23 22.20 -11.77 26.84
CA GLY A 23 23.53 -11.62 26.27
C GLY A 23 24.17 -12.96 25.99
N LEU A 24 24.19 -13.83 27.00
CA LEU A 24 24.84 -15.13 26.82
C LEU A 24 24.11 -15.96 25.78
N ASN A 25 22.78 -15.92 25.81
CA ASN A 25 22.01 -16.71 24.87
C ASN A 25 22.14 -16.17 23.44
N SER A 26 22.22 -14.86 23.29
CA SER A 26 22.37 -14.32 21.94
C SER A 26 23.72 -14.72 21.36
N LEU A 27 24.77 -14.65 22.17
CA LEU A 27 26.12 -14.99 21.74
C LEU A 27 26.20 -16.43 21.24
N VAL A 28 25.62 -17.37 21.97
CA VAL A 28 25.65 -18.76 21.55
C VAL A 28 24.93 -18.92 20.22
N LEU A 29 23.75 -18.31 20.10
CA LEU A 29 23.00 -18.38 18.85
C LEU A 29 23.82 -17.89 17.67
N ASP A 30 24.49 -16.73 17.83
CA ASP A 30 25.16 -16.07 16.72
C ASP A 30 26.50 -16.69 16.35
N LEU A 31 27.07 -17.51 17.24
CA LEU A 31 28.34 -18.20 16.97
C LEU A 31 28.16 -19.64 16.52
N ASP A 32 27.13 -20.34 16.99
CA ASP A 32 27.03 -21.78 16.79
C ASP A 32 26.66 -22.10 15.33
N PHE A 33 27.70 -22.04 14.50
CA PHE A 33 27.64 -22.41 13.10
C PHE A 33 29.00 -23.03 12.81
N PRO A 34 29.03 -24.14 12.07
CA PRO A 34 30.30 -24.85 11.91
C PRO A 34 31.38 -23.98 11.26
N ALA A 35 30.98 -23.08 10.36
CA ALA A 35 31.93 -22.16 9.75
C ALA A 35 32.67 -21.36 10.81
N LEU A 36 31.93 -20.68 11.69
CA LEU A 36 32.56 -19.90 12.74
C LEU A 36 33.25 -20.80 13.75
N ARG A 37 32.79 -22.05 13.87
CA ARG A 37 33.35 -22.98 14.86
C ARG A 37 34.75 -23.47 14.50
N LYS A 38 35.20 -23.25 13.25
CA LYS A 38 36.60 -23.50 12.91
C LYS A 38 37.54 -22.63 13.73
N ASN A 39 37.09 -21.45 14.15
CA ASN A 39 37.85 -20.68 15.11
C ASN A 39 37.84 -21.40 16.46
N LYS A 40 39.02 -21.67 17.00
CA LYS A 40 39.13 -22.47 18.22
C LYS A 40 38.56 -21.72 19.42
N ASN A 41 38.85 -20.43 19.52
CA ASN A 41 38.25 -19.59 20.56
C ASN A 41 36.74 -19.74 20.59
N ILE A 42 36.10 -19.65 19.42
CA ILE A 42 34.66 -19.80 19.34
C ILE A 42 34.22 -21.18 19.81
N ASP A 43 34.90 -22.23 19.31
CA ASP A 43 34.53 -23.57 19.74
C ASP A 43 34.85 -23.80 21.22
N ASN A 44 35.93 -23.23 21.74
CA ASN A 44 36.24 -23.37 23.16
C ASN A 44 35.16 -22.77 24.05
N PHE A 45 34.49 -21.73 23.57
CA PHE A 45 33.35 -21.18 24.31
C PHE A 45 32.10 -22.04 24.15
N LEU A 46 31.82 -22.52 22.94
CA LEU A 46 30.52 -23.15 22.69
C LEU A 46 30.42 -24.51 23.35
N ASN A 47 31.47 -25.32 23.27
CA ASN A 47 31.42 -26.64 23.91
C ASN A 47 31.31 -26.49 25.43
N ARG A 48 32.02 -25.53 26.02
CA ARG A 48 31.90 -25.30 27.45
C ARG A 48 30.47 -24.91 27.85
N TYR A 49 29.78 -24.13 27.02
CA TYR A 49 28.53 -23.50 27.42
C TYR A 49 27.28 -24.05 26.74
N GLU A 50 27.42 -24.84 25.68
CA GLU A 50 26.24 -25.26 24.92
C GLU A 50 25.26 -26.01 25.82
N LYS A 51 25.76 -27.00 26.57
CA LYS A 51 24.85 -27.85 27.36
C LYS A 51 24.07 -27.02 28.39
N ILE A 52 24.75 -26.18 29.17
CA ILE A 52 24.04 -25.40 30.18
C ILE A 52 23.08 -24.41 29.53
N VAL A 53 23.44 -23.86 28.37
CA VAL A 53 22.59 -22.87 27.72
C VAL A 53 21.31 -23.52 27.20
N LYS A 54 21.40 -24.74 26.69
CA LYS A 54 20.18 -25.35 26.21
C LYS A 54 19.32 -25.79 27.39
N LYS A 55 19.94 -26.12 28.54
CA LYS A 55 19.18 -26.36 29.76
C LYS A 55 18.49 -25.09 30.20
N ILE A 56 19.18 -23.95 30.13
CA ILE A 56 18.57 -22.70 30.53
C ILE A 56 17.42 -22.35 29.59
N ARG A 57 17.58 -22.67 28.29
CA ARG A 57 16.54 -22.36 27.33
C ARG A 57 15.24 -23.06 27.68
N GLY A 58 15.33 -24.31 28.12
CA GLY A 58 14.13 -25.02 28.52
C GLY A 58 13.49 -24.47 29.77
N LEU A 59 14.31 -24.01 30.72
CA LEU A 59 13.77 -23.56 32.00
C LEU A 59 13.17 -22.15 31.94
N GLN A 60 13.62 -21.30 31.02
CA GLN A 60 13.06 -19.96 30.98
C GLN A 60 11.78 -19.99 30.15
N MET A 61 10.94 -18.98 30.37
CA MET A 61 9.69 -18.89 29.63
C MET A 61 9.94 -18.94 28.14
N LYS A 62 9.17 -19.78 27.46
CA LYS A 62 9.32 -20.02 26.02
C LYS A 62 7.92 -20.15 25.42
N ALA A 63 7.86 -20.02 24.10
CA ALA A 63 6.58 -20.10 23.39
C ALA A 63 5.83 -21.41 23.62
N GLU A 64 6.54 -22.53 23.75
CA GLU A 64 5.82 -23.80 23.90
C GLU A 64 5.02 -23.90 25.18
N ASP A 65 5.26 -23.01 26.15
CA ASP A 65 4.49 -22.95 27.39
C ASP A 65 3.08 -22.41 27.19
N TYR A 66 2.72 -22.01 25.99
CA TYR A 66 1.44 -21.39 25.71
C TYR A 66 0.71 -22.22 24.68
N ASP A 67 -0.59 -22.35 24.85
CA ASP A 67 -1.43 -22.95 23.84
C ASP A 67 -1.99 -21.84 22.98
N VAL A 68 -1.79 -21.93 21.67
CA VAL A 68 -2.28 -20.89 20.76
C VAL A 68 -3.73 -21.18 20.38
N VAL A 69 -4.65 -20.35 20.89
CA VAL A 69 -6.09 -20.61 20.71
C VAL A 69 -6.57 -20.09 19.37
N LYS A 70 -6.16 -18.87 18.99
CA LYS A 70 -6.56 -18.30 17.70
C LYS A 70 -5.77 -17.01 17.50
N VAL A 71 -5.58 -16.62 16.25
CA VAL A 71 -4.91 -15.36 15.93
C VAL A 71 -5.96 -14.26 15.91
N ILE A 72 -5.71 -13.19 16.67
CA ILE A 72 -6.67 -12.11 16.80
C ILE A 72 -6.13 -10.78 16.28
N GLY A 73 -4.90 -10.72 15.78
CA GLY A 73 -4.37 -9.49 15.23
C GLY A 73 -3.12 -9.73 14.41
N ARG A 74 -2.91 -8.87 13.41
CA ARG A 74 -1.75 -8.95 12.56
C ARG A 74 -1.16 -7.55 12.42
N GLY A 75 0.12 -7.48 12.08
CA GLY A 75 0.85 -6.23 11.98
C GLY A 75 1.98 -6.41 10.99
N ALA A 76 2.78 -5.34 10.82
CA ALA A 76 3.82 -5.35 9.80
C ALA A 76 4.81 -6.49 10.00
N PHE A 77 5.19 -6.76 11.25
CA PHE A 77 6.27 -7.71 11.53
C PHE A 77 5.81 -8.91 12.35
N GLY A 78 4.51 -9.14 12.52
CA GLY A 78 4.08 -10.29 13.28
C GLY A 78 2.57 -10.31 13.50
N GLU A 79 2.15 -11.08 14.51
CA GLU A 79 0.75 -11.28 14.82
C GLU A 79 0.51 -11.15 16.32
N VAL A 80 -0.77 -11.04 16.68
CA VAL A 80 -1.20 -11.16 18.06
C VAL A 80 -1.99 -12.45 18.16
N GLN A 81 -1.64 -13.26 19.15
CA GLN A 81 -2.28 -14.54 19.39
C GLN A 81 -3.02 -14.52 20.72
N LEU A 82 -4.21 -15.12 20.74
CA LEU A 82 -4.87 -15.44 21.99
C LEU A 82 -4.26 -16.75 22.49
N VAL A 83 -3.63 -16.71 23.66
CA VAL A 83 -2.93 -17.88 24.16
C VAL A 83 -3.42 -18.22 25.56
N ARG A 84 -3.25 -19.49 25.92
CA ARG A 84 -3.46 -19.96 27.28
C ARG A 84 -2.15 -20.56 27.78
N HIS A 85 -1.63 -20.03 28.88
CA HIS A 85 -0.43 -20.58 29.49
C HIS A 85 -0.74 -21.91 30.16
N LYS A 86 -0.11 -22.98 29.70
CA LYS A 86 -0.51 -24.34 30.09
C LYS A 86 -0.42 -24.53 31.60
N ALA A 87 0.73 -24.21 32.21
CA ALA A 87 0.92 -24.43 33.64
C ALA A 87 -0.15 -23.70 34.44
N SER A 88 -0.27 -22.39 34.24
CA SER A 88 -1.16 -21.57 35.06
C SER A 88 -2.60 -21.55 34.55
N GLN A 89 -2.83 -21.94 33.29
CA GLN A 89 -4.15 -21.89 32.65
C GLN A 89 -4.66 -20.47 32.44
N LYS A 90 -3.83 -19.45 32.70
CA LYS A 90 -4.23 -18.08 32.49
C LYS A 90 -4.29 -17.75 30.99
N VAL A 91 -5.06 -16.72 30.67
CA VAL A 91 -5.34 -16.35 29.29
C VAL A 91 -4.70 -15.00 29.00
N TYR A 92 -4.01 -14.90 27.86
CA TYR A 92 -3.31 -13.69 27.49
C TYR A 92 -3.40 -13.45 25.99
N ALA A 93 -3.12 -12.21 25.59
CA ALA A 93 -2.82 -11.89 24.21
C ALA A 93 -1.30 -11.83 24.07
N MET A 94 -0.75 -12.58 23.12
CA MET A 94 0.69 -12.63 22.92
C MET A 94 1.01 -12.04 21.56
N LYS A 95 1.85 -11.00 21.54
CA LYS A 95 2.28 -10.37 20.30
C LYS A 95 3.66 -10.90 19.90
N LEU A 96 3.78 -11.31 18.64
CA LEU A 96 5.05 -11.79 18.09
C LEU A 96 5.61 -10.79 17.10
N LEU A 97 6.92 -10.56 17.17
CA LEU A 97 7.62 -9.75 16.19
C LEU A 97 8.74 -10.57 15.56
N SER A 98 8.76 -10.62 14.23
CA SER A 98 9.74 -11.41 13.46
C SER A 98 11.10 -10.76 13.46
N LYS A 99 12.11 -11.49 13.94
CA LYS A 99 13.46 -10.95 13.93
C LYS A 99 14.00 -10.84 12.50
N PHE A 100 13.75 -11.84 11.66
CA PHE A 100 14.19 -11.76 10.27
C PHE A 100 13.62 -10.52 9.58
N GLU A 101 12.28 -10.35 9.64
CA GLU A 101 11.65 -9.21 8.98
C GLU A 101 12.17 -7.89 9.53
N MET A 102 12.39 -7.82 10.84
CA MET A 102 12.80 -6.54 11.45
C MET A 102 14.21 -6.17 11.03
N ILE A 103 15.09 -7.16 10.90
CA ILE A 103 16.44 -6.90 10.42
C ILE A 103 16.42 -6.56 8.94
N LYS A 104 15.83 -7.44 8.13
CA LYS A 104 15.75 -7.24 6.68
C LYS A 104 15.28 -5.83 6.34
N ARG A 105 14.23 -5.37 7.02
CA ARG A 105 13.63 -4.08 6.76
C ARG A 105 14.18 -3.00 7.68
N SER A 106 15.40 -3.20 8.16
CA SER A 106 16.12 -2.26 9.02
C SER A 106 15.22 -1.57 10.05
N ASP A 107 14.29 -2.32 10.63
CA ASP A 107 13.35 -1.78 11.61
C ASP A 107 13.39 -2.65 12.88
N SER A 108 14.42 -2.45 13.69
CA SER A 108 14.71 -3.35 14.79
C SER A 108 14.84 -2.64 16.13
N ALA A 109 14.13 -1.52 16.32
CA ALA A 109 14.29 -0.81 17.59
C ALA A 109 13.03 -0.10 18.06
N PHE A 110 11.89 -0.28 17.40
CA PHE A 110 10.69 0.42 17.81
C PHE A 110 10.10 -0.18 19.06
N PHE A 111 10.51 -1.40 19.43
CA PHE A 111 9.77 -2.19 20.40
C PHE A 111 10.16 -1.89 21.84
N TRP A 112 11.24 -1.14 22.07
CA TRP A 112 11.66 -0.86 23.44
C TRP A 112 10.64 0.02 24.14
N GLU A 113 10.19 1.09 23.48
CA GLU A 113 9.17 1.95 24.07
C GLU A 113 7.88 1.17 24.29
N GLU A 114 7.51 0.34 23.31
CA GLU A 114 6.29 -0.45 23.44
C GLU A 114 6.36 -1.35 24.66
N ARG A 115 7.46 -2.06 24.82
CA ARG A 115 7.66 -2.92 25.98
C ARG A 115 7.59 -2.10 27.26
N ASP A 116 8.35 -1.01 27.35
CA ASP A 116 8.46 -0.28 28.61
C ASP A 116 7.13 0.39 28.99
N ILE A 117 6.37 0.86 28.02
CA ILE A 117 5.10 1.48 28.32
C ILE A 117 4.14 0.46 28.91
N MET A 118 3.96 -0.68 28.23
CA MET A 118 3.03 -1.67 28.73
C MET A 118 3.53 -2.32 30.00
N ALA A 119 4.86 -2.45 30.16
CA ALA A 119 5.40 -3.04 31.37
C ALA A 119 5.29 -2.12 32.58
N PHE A 120 5.37 -0.79 32.39
CA PHE A 120 5.56 0.10 33.53
C PHE A 120 4.55 1.21 33.65
N ALA A 121 3.70 1.44 32.65
CA ALA A 121 2.77 2.56 32.74
C ALA A 121 1.89 2.44 33.97
N ASN A 122 1.51 1.23 34.33
CA ASN A 122 0.65 0.99 35.48
C ASN A 122 -0.51 1.97 35.47
N SER A 123 -1.27 1.91 34.37
CA SER A 123 -2.36 2.83 34.12
C SER A 123 -3.57 2.06 33.61
N PRO A 124 -4.76 2.42 34.08
CA PRO A 124 -5.98 1.80 33.51
C PRO A 124 -6.16 2.06 32.02
N TRP A 125 -5.38 2.96 31.43
CA TRP A 125 -5.55 3.36 30.04
C TRP A 125 -4.54 2.68 29.09
N VAL A 126 -3.61 1.92 29.64
CA VAL A 126 -2.51 1.28 28.92
C VAL A 126 -2.59 -0.22 29.17
N VAL A 127 -2.69 -1.01 28.09
CA VAL A 127 -2.63 -2.48 28.21
C VAL A 127 -1.35 -2.89 28.94
N GLN A 128 -1.50 -3.70 29.97
CA GLN A 128 -0.36 -4.10 30.77
C GLN A 128 0.39 -5.30 30.16
N LEU A 129 1.70 -5.29 30.29
CA LEU A 129 2.55 -6.39 29.86
C LEU A 129 3.04 -7.14 31.09
N PHE A 130 2.81 -8.45 31.12
CA PHE A 130 3.29 -9.29 32.21
C PHE A 130 4.65 -9.92 31.91
N TYR A 131 4.87 -10.37 30.67
CA TYR A 131 6.09 -11.09 30.35
C TYR A 131 6.55 -10.71 28.95
N ALA A 132 7.86 -10.50 28.80
CA ALA A 132 8.51 -10.41 27.50
C ALA A 132 9.61 -11.44 27.42
N PHE A 133 9.63 -12.17 26.32
CA PHE A 133 10.68 -13.15 26.11
C PHE A 133 10.92 -13.30 24.61
N GLN A 134 11.95 -14.08 24.26
CA GLN A 134 12.36 -14.21 22.87
C GLN A 134 12.85 -15.62 22.59
N ASP A 135 12.85 -15.99 21.31
CA ASP A 135 13.63 -17.13 20.84
C ASP A 135 14.41 -16.71 19.59
N ASP A 136 15.05 -17.63 18.89
CA ASP A 136 15.92 -17.21 17.80
C ASP A 136 15.14 -16.55 16.65
N ARG A 137 13.82 -16.73 16.59
CA ARG A 137 13.03 -16.19 15.50
C ARG A 137 12.18 -14.99 15.87
N TYR A 138 11.67 -14.91 17.10
CA TYR A 138 10.61 -13.97 17.44
C TYR A 138 10.86 -13.29 18.77
N LEU A 139 10.39 -12.05 18.87
CA LEU A 139 10.11 -11.42 20.15
C LEU A 139 8.68 -11.73 20.53
N TYR A 140 8.44 -11.89 21.82
CA TYR A 140 7.11 -12.13 22.34
C TYR A 140 6.77 -11.13 23.44
N MET A 141 5.54 -10.61 23.40
CA MET A 141 5.01 -9.76 24.45
C MET A 141 3.69 -10.36 24.90
N VAL A 142 3.65 -10.79 26.16
CA VAL A 142 2.49 -11.43 26.76
C VAL A 142 1.73 -10.35 27.55
N MET A 143 0.58 -9.95 27.02
CA MET A 143 -0.25 -8.86 27.52
C MET A 143 -1.59 -9.38 28.03
N GLU A 144 -2.25 -8.52 28.80
CA GLU A 144 -3.61 -8.83 29.19
C GLU A 144 -4.50 -8.88 27.95
N TYR A 145 -5.33 -9.91 27.88
CA TYR A 145 -6.28 -10.03 26.79
C TYR A 145 -7.37 -8.95 26.90
N MET A 146 -7.73 -8.37 25.77
CA MET A 146 -8.80 -7.38 25.72
C MET A 146 -10.01 -7.97 25.00
N PRO A 147 -10.86 -8.71 25.71
CA PRO A 147 -11.95 -9.42 25.05
C PRO A 147 -12.99 -8.52 24.40
N GLY A 148 -12.97 -7.22 24.65
CA GLY A 148 -13.96 -6.34 24.06
C GLY A 148 -13.79 -6.11 22.57
N GLY A 149 -12.62 -6.43 22.01
CA GLY A 149 -12.33 -6.10 20.63
C GLY A 149 -11.81 -4.68 20.48
N ASP A 150 -11.61 -4.26 19.23
CA ASP A 150 -11.20 -2.88 18.98
C ASP A 150 -12.38 -2.03 18.50
N LEU A 151 -12.10 -0.75 18.29
CA LEU A 151 -13.13 0.21 17.88
C LEU A 151 -13.46 0.08 16.40
N VAL A 152 -12.58 -0.56 15.62
CA VAL A 152 -12.93 -0.91 14.24
C VAL A 152 -14.11 -1.85 14.24
N ASN A 153 -13.98 -2.92 15.01
CA ASN A 153 -15.04 -3.91 15.10
C ASN A 153 -16.32 -3.28 15.63
N LEU A 154 -16.22 -2.43 16.65
CA LEU A 154 -17.42 -1.81 17.20
C LEU A 154 -18.11 -0.97 16.14
N MET A 155 -17.35 -0.12 15.45
CA MET A 155 -17.94 0.71 14.40
C MET A 155 -18.50 -0.11 13.24
N SER A 156 -17.90 -1.28 12.95
CA SER A 156 -18.48 -2.18 11.97
C SER A 156 -19.83 -2.73 12.38
N ASN A 157 -20.17 -2.75 13.67
CA ASN A 157 -21.36 -3.44 14.14
C ASN A 157 -22.42 -2.53 14.72
N TYR A 158 -22.17 -1.23 14.83
CA TYR A 158 -23.17 -0.33 15.37
C TYR A 158 -23.18 0.93 14.55
N ASP A 159 -24.34 1.58 14.48
CA ASP A 159 -24.39 2.97 14.05
C ASP A 159 -24.13 3.76 15.31
N VAL A 160 -22.98 4.42 15.39
CA VAL A 160 -22.54 4.94 16.67
C VAL A 160 -23.26 6.28 16.91
N PRO A 161 -24.13 6.36 17.90
CA PRO A 161 -24.74 7.65 18.23
C PRO A 161 -23.76 8.58 18.95
N GLU A 162 -24.09 9.86 18.92
CA GLU A 162 -23.21 10.84 19.54
C GLU A 162 -23.05 10.64 21.05
N LYS A 163 -23.99 9.97 21.73
CA LYS A 163 -23.76 9.70 23.15
C LYS A 163 -22.59 8.72 23.34
N TRP A 164 -22.49 7.71 22.48
CA TRP A 164 -21.37 6.76 22.56
C TRP A 164 -20.06 7.41 22.16
N ALA A 165 -20.07 8.17 21.06
CA ALA A 165 -18.85 8.85 20.60
C ALA A 165 -18.32 9.81 21.66
N LYS A 166 -19.20 10.53 22.36
CA LYS A 166 -18.79 11.35 23.49
C LYS A 166 -17.92 10.54 24.43
N PHE A 167 -18.39 9.33 24.77
CA PHE A 167 -17.73 8.46 25.75
C PHE A 167 -16.37 7.99 25.24
N TYR A 168 -16.34 7.38 24.05
CA TYR A 168 -15.07 6.86 23.54
C TYR A 168 -14.07 7.98 23.27
N THR A 169 -14.54 9.15 22.85
CA THR A 169 -13.61 10.25 22.64
C THR A 169 -13.03 10.73 23.96
N ALA A 170 -13.86 10.80 24.99
CA ALA A 170 -13.33 11.20 26.29
C ALA A 170 -12.29 10.20 26.78
N GLU A 171 -12.60 8.90 26.69
CA GLU A 171 -11.65 7.91 27.19
C GLU A 171 -10.35 7.94 26.39
N VAL A 172 -10.45 8.11 25.07
CA VAL A 172 -9.21 8.19 24.27
C VAL A 172 -8.39 9.39 24.72
N VAL A 173 -9.05 10.50 25.05
CA VAL A 173 -8.34 11.71 25.48
C VAL A 173 -7.61 11.45 26.80
N LEU A 174 -8.31 10.84 27.76
CA LEU A 174 -7.65 10.55 29.03
C LEU A 174 -6.53 9.53 28.84
N ALA A 175 -6.68 8.60 27.91
CA ALA A 175 -5.62 7.65 27.65
C ALA A 175 -4.41 8.34 27.03
N LEU A 176 -4.64 9.18 26.02
CA LEU A 176 -3.57 9.94 25.39
C LEU A 176 -2.94 10.92 26.39
N ASP A 177 -3.75 11.60 27.18
CA ASP A 177 -3.17 12.46 28.21
C ASP A 177 -2.30 11.66 29.18
N ALA A 178 -2.74 10.46 29.52
CA ALA A 178 -1.92 9.60 30.40
C ALA A 178 -0.58 9.28 29.77
N ILE A 179 -0.57 8.99 28.46
CA ILE A 179 0.68 8.67 27.78
C ILE A 179 1.55 9.91 27.64
N HIS A 180 0.92 11.07 27.45
CA HIS A 180 1.67 12.32 27.43
C HIS A 180 2.38 12.56 28.77
N SER A 181 1.68 12.30 29.88
CA SER A 181 2.30 12.61 31.17
C SER A 181 3.48 11.71 31.48
N MET A 182 3.63 10.61 30.74
CA MET A 182 4.83 9.78 30.85
C MET A 182 5.95 10.27 29.95
N GLY A 183 5.76 11.39 29.28
CA GLY A 183 6.79 11.92 28.42
C GLY A 183 6.77 11.46 26.98
N LEU A 184 5.69 10.79 26.54
CA LEU A 184 5.64 10.20 25.20
C LEU A 184 4.52 10.82 24.36
N ILE A 185 4.78 10.85 23.05
CA ILE A 185 3.77 11.14 22.04
C ILE A 185 3.45 9.82 21.35
N HIS A 186 2.16 9.56 21.13
CA HIS A 186 1.75 8.27 20.60
C HIS A 186 2.05 8.17 19.11
N ARG A 187 1.57 9.12 18.33
CA ARG A 187 1.86 9.24 16.89
C ARG A 187 1.13 8.23 16.02
N ASP A 188 0.44 7.26 16.59
CA ASP A 188 -0.31 6.34 15.76
C ASP A 188 -1.63 5.97 16.44
N VAL A 189 -2.40 7.00 16.75
CA VAL A 189 -3.71 6.85 17.36
C VAL A 189 -4.68 6.42 16.26
N LYS A 190 -5.30 5.25 16.41
CA LYS A 190 -6.31 4.80 15.48
C LYS A 190 -7.23 3.83 16.18
N PRO A 191 -8.46 3.67 15.69
CA PRO A 191 -9.37 2.67 16.29
C PRO A 191 -8.81 1.25 16.34
N ASP A 192 -7.92 0.87 15.42
CA ASP A 192 -7.27 -0.44 15.53
C ASP A 192 -6.45 -0.56 16.82
N ASN A 193 -5.94 0.57 17.35
CA ASN A 193 -5.14 0.62 18.59
C ASN A 193 -5.97 0.85 19.84
N MET A 194 -7.27 1.05 19.69
CA MET A 194 -8.14 1.28 20.82
C MET A 194 -8.89 -0.03 21.08
N LEU A 195 -8.57 -0.67 22.21
CA LEU A 195 -9.16 -1.95 22.57
C LEU A 195 -10.07 -1.79 23.77
N LEU A 196 -11.04 -2.70 23.89
CA LEU A 196 -12.01 -2.66 24.98
C LEU A 196 -11.82 -3.86 25.88
N ASP A 197 -12.00 -3.65 27.19
CA ASP A 197 -11.79 -4.72 28.16
C ASP A 197 -13.11 -5.45 28.45
N LYS A 198 -13.05 -6.36 29.44
CA LYS A 198 -14.20 -7.14 29.88
C LYS A 198 -15.44 -6.28 30.16
N HIS A 199 -15.23 -5.03 30.57
CA HIS A 199 -16.29 -4.13 30.98
C HIS A 199 -16.63 -3.06 29.95
N GLY A 200 -15.98 -3.08 28.78
CA GLY A 200 -16.29 -2.15 27.72
C GLY A 200 -15.53 -0.83 27.75
N HIS A 201 -14.50 -0.71 28.59
CA HIS A 201 -13.70 0.50 28.68
C HIS A 201 -12.42 0.38 27.86
N LEU A 202 -11.95 1.54 27.42
CA LEU A 202 -10.91 1.64 26.41
C LEU A 202 -9.52 1.51 27.02
N LYS A 203 -8.61 0.89 26.27
CA LYS A 203 -7.17 0.94 26.55
C LYS A 203 -6.45 1.11 25.22
N LEU A 204 -5.31 1.80 25.25
CA LEU A 204 -4.43 1.95 24.09
C LEU A 204 -3.45 0.78 24.03
N ALA A 205 -3.01 0.43 22.82
CA ALA A 205 -2.28 -0.83 22.74
C ALA A 205 -1.01 -0.91 21.86
N ASP A 206 -0.96 -0.22 20.74
CA ASP A 206 0.17 -0.41 19.82
C ASP A 206 1.04 0.83 19.91
N PHE A 207 2.11 0.72 20.69
CA PHE A 207 2.96 1.86 20.97
C PHE A 207 4.27 1.74 20.19
N GLY A 208 4.17 1.20 18.96
CA GLY A 208 5.36 1.01 18.14
C GLY A 208 5.94 2.30 17.64
N THR A 209 5.10 3.29 17.35
CA THR A 209 5.54 4.58 16.83
C THR A 209 5.78 5.60 17.95
N CYS A 210 5.74 5.20 19.23
CA CYS A 210 5.85 6.21 20.29
C CYS A 210 7.27 6.76 20.41
N MET A 211 7.36 7.95 21.00
CA MET A 211 8.63 8.65 21.06
C MET A 211 8.62 9.58 22.25
N LYS A 212 9.74 9.60 22.98
CA LYS A 212 9.85 10.43 24.17
C LYS A 212 10.10 11.88 23.78
N MET A 213 9.64 12.79 24.61
CA MET A 213 9.69 14.20 24.30
C MET A 213 10.94 14.87 24.88
N ASP A 214 11.21 16.09 24.40
CA ASP A 214 12.26 16.96 24.89
C ASP A 214 11.92 17.47 26.28
N GLU A 215 12.87 18.20 26.88
CA GLU A 215 12.53 19.10 27.97
C GLU A 215 11.60 20.21 27.48
N THR A 216 11.66 20.55 26.20
CA THR A 216 10.71 21.50 25.63
C THR A 216 9.36 20.88 25.33
N GLY A 217 9.23 19.55 25.52
CA GLY A 217 8.06 18.83 25.09
C GLY A 217 8.01 18.48 23.62
N MET A 218 9.11 18.63 22.90
CA MET A 218 9.14 18.49 21.45
C MET A 218 9.88 17.23 21.07
N VAL A 219 9.79 16.86 19.80
CA VAL A 219 10.59 15.78 19.23
C VAL A 219 11.14 16.23 17.87
N HIS A 220 12.40 15.88 17.60
CA HIS A 220 12.99 16.02 16.29
C HIS A 220 12.74 14.75 15.50
N CYS A 221 12.05 14.85 14.38
CA CYS A 221 11.97 13.62 13.60
C CYS A 221 11.88 14.00 12.13
N ASP A 222 12.54 13.21 11.30
CA ASP A 222 12.51 13.34 9.84
C ASP A 222 11.76 12.27 9.10
N THR A 223 11.01 11.40 9.78
CA THR A 223 10.33 10.30 9.13
C THR A 223 8.84 10.48 9.39
N ALA A 224 8.05 10.43 8.34
CA ALA A 224 6.62 10.45 8.54
C ALA A 224 6.21 9.07 9.03
N VAL A 225 5.54 9.01 10.19
CA VAL A 225 5.20 7.74 10.80
C VAL A 225 3.71 7.67 11.10
N GLY A 226 3.25 6.44 11.25
CA GLY A 226 1.88 6.11 11.60
C GLY A 226 1.08 5.52 10.47
N THR A 227 -0.19 5.89 10.41
CA THR A 227 -1.14 5.32 9.49
C THR A 227 -1.68 6.39 8.54
N PRO A 228 -1.83 6.10 7.25
CA PRO A 228 -2.09 7.16 6.29
C PRO A 228 -3.38 7.93 6.55
N ASP A 229 -4.47 7.27 6.89
CA ASP A 229 -5.71 8.00 7.13
C ASP A 229 -5.60 8.97 8.30
N TYR A 230 -4.76 8.66 9.27
CA TYR A 230 -4.75 9.43 10.52
C TYR A 230 -3.55 10.33 10.70
N ILE A 231 -2.63 10.42 9.75
CA ILE A 231 -1.42 11.21 9.99
C ILE A 231 -1.74 12.70 9.87
N SER A 232 -1.21 13.48 10.82
CA SER A 232 -1.35 14.92 10.87
C SER A 232 -0.43 15.60 9.88
N PRO A 233 -0.80 16.80 9.42
CA PRO A 233 0.08 17.56 8.52
C PRO A 233 1.50 17.79 9.05
N GLU A 234 1.69 18.09 10.33
CA GLU A 234 3.03 18.37 10.81
C GLU A 234 3.91 17.13 10.73
N VAL A 235 3.39 15.95 11.10
CA VAL A 235 4.18 14.73 10.99
C VAL A 235 4.40 14.38 9.53
N LEU A 236 3.36 14.50 8.71
CA LEU A 236 3.52 14.25 7.28
C LEU A 236 4.56 15.20 6.70
N LYS A 237 4.48 16.48 7.05
CA LYS A 237 5.41 17.46 6.49
C LYS A 237 6.83 17.23 6.97
N SER A 238 7.02 16.40 7.99
CA SER A 238 8.35 16.20 8.54
C SER A 238 9.16 15.15 7.79
N GLN A 239 8.60 14.51 6.77
CA GLN A 239 9.39 13.56 5.99
C GLN A 239 10.54 14.27 5.27
N GLY A 240 10.28 15.46 4.76
CA GLY A 240 11.36 16.24 4.19
C GLY A 240 12.59 16.37 5.07
N GLY A 241 12.48 17.21 6.11
CA GLY A 241 13.62 17.62 6.91
C GLY A 241 13.25 18.30 8.21
N ASP A 242 13.91 17.93 9.30
CA ASP A 242 13.89 18.74 10.52
C ASP A 242 12.46 19.08 10.95
N GLY A 243 11.69 18.02 11.21
CA GLY A 243 10.39 18.18 11.84
C GLY A 243 10.55 18.33 13.34
N PHE A 244 9.86 19.32 13.89
CA PHE A 244 9.88 19.66 15.31
C PHE A 244 8.44 19.88 15.73
N TYR A 245 7.89 18.97 16.50
CA TYR A 245 6.48 19.07 16.86
C TYR A 245 6.26 18.48 18.23
N GLY A 246 5.09 18.75 18.81
CA GLY A 246 4.74 18.32 20.13
C GLY A 246 3.52 17.42 20.14
N ARG A 247 3.10 17.04 21.36
CA ARG A 247 2.08 16.04 21.56
C ARG A 247 0.77 16.36 20.86
N GLU A 248 0.57 17.60 20.43
CA GLU A 248 -0.74 17.92 19.85
C GLU A 248 -1.00 17.18 18.55
N CYS A 249 -0.01 16.44 18.01
CA CYS A 249 -0.30 15.63 16.83
C CYS A 249 -1.28 14.49 17.16
N ASP A 250 -1.27 14.01 18.41
CA ASP A 250 -2.23 12.97 18.79
C ASP A 250 -3.67 13.51 18.75
N TRP A 251 -3.87 14.82 19.03
CA TRP A 251 -5.22 15.37 18.97
C TRP A 251 -5.74 15.44 17.55
N TRP A 252 -4.87 15.65 16.58
CA TRP A 252 -5.32 15.56 15.19
C TRP A 252 -5.96 14.21 14.93
N SER A 253 -5.37 13.14 15.47
CA SER A 253 -5.85 11.81 15.15
C SER A 253 -7.07 11.44 15.98
N VAL A 254 -7.32 12.14 17.08
CA VAL A 254 -8.61 12.02 17.76
C VAL A 254 -9.70 12.63 16.89
N GLY A 255 -9.42 13.76 16.24
CA GLY A 255 -10.42 14.36 15.36
C GLY A 255 -10.77 13.47 14.19
N VAL A 256 -9.76 12.82 13.60
CA VAL A 256 -10.03 11.86 12.52
C VAL A 256 -10.88 10.72 13.03
N PHE A 257 -10.59 10.26 14.25
CA PHE A 257 -11.38 9.23 14.90
C PHE A 257 -12.83 9.68 15.11
N LEU A 258 -13.03 10.93 15.59
CA LEU A 258 -14.39 11.43 15.78
C LEU A 258 -15.16 11.50 14.47
N TYR A 259 -14.54 12.04 13.44
CA TYR A 259 -15.17 12.07 12.12
C TYR A 259 -15.62 10.68 11.70
N GLU A 260 -14.70 9.72 11.80
CA GLU A 260 -14.96 8.39 11.29
C GLU A 260 -16.09 7.71 12.05
N MET A 261 -16.13 7.86 13.38
CA MET A 261 -17.20 7.26 14.18
C MET A 261 -18.57 7.82 13.81
N LEU A 262 -18.67 9.13 13.64
CA LEU A 262 -19.94 9.80 13.36
C LEU A 262 -20.30 9.84 11.88
N VAL A 263 -19.32 9.89 10.97
CA VAL A 263 -19.68 10.03 9.56
C VAL A 263 -19.76 8.67 8.86
N GLY A 264 -18.91 7.71 9.26
CA GLY A 264 -18.85 6.43 8.59
C GLY A 264 -17.64 6.24 7.69
N ASP A 265 -16.90 7.30 7.36
CA ASP A 265 -15.65 7.21 6.61
C ASP A 265 -14.61 8.15 7.21
N THR A 266 -13.34 7.80 7.02
CA THR A 266 -12.27 8.72 7.39
C THR A 266 -12.38 10.04 6.61
N PRO A 267 -12.02 11.16 7.23
CA PRO A 267 -12.17 12.46 6.56
C PRO A 267 -11.30 12.67 5.33
N PHE A 268 -10.23 11.92 5.12
CA PHE A 268 -9.37 12.21 3.97
C PHE A 268 -9.20 10.97 3.12
N TYR A 269 -10.30 10.21 3.00
CA TYR A 269 -10.27 9.01 2.18
C TYR A 269 -9.86 9.35 0.76
N ALA A 270 -9.06 8.47 0.16
CA ALA A 270 -8.72 8.55 -1.24
C ALA A 270 -8.38 7.14 -1.71
N ASP A 271 -8.47 6.93 -3.01
CA ASP A 271 -8.22 5.60 -3.57
C ASP A 271 -6.74 5.30 -3.74
N SER A 272 -5.86 6.26 -3.44
CA SER A 272 -4.42 6.02 -3.39
C SER A 272 -3.85 6.62 -2.11
N LEU A 273 -2.79 5.98 -1.58
CA LEU A 273 -2.00 6.59 -0.52
C LEU A 273 -1.59 7.98 -0.93
N VAL A 274 -1.12 8.09 -2.17
CA VAL A 274 -0.68 9.36 -2.70
C VAL A 274 -1.80 10.38 -2.66
N GLY A 275 -3.04 9.93 -2.91
CA GLY A 275 -4.17 10.84 -2.78
C GLY A 275 -4.46 11.25 -1.35
N THR A 276 -4.45 10.28 -0.44
CA THR A 276 -4.67 10.58 0.97
C THR A 276 -3.66 11.59 1.48
N TYR A 277 -2.38 11.38 1.18
CA TYR A 277 -1.34 12.34 1.54
C TYR A 277 -1.68 13.72 1.02
N SER A 278 -2.14 13.80 -0.23
CA SER A 278 -2.44 15.09 -0.83
C SER A 278 -3.66 15.74 -0.18
N LYS A 279 -4.68 14.95 0.17
CA LYS A 279 -5.84 15.52 0.85
C LYS A 279 -5.46 16.07 2.23
N ILE A 280 -4.62 15.35 2.96
CA ILE A 280 -4.24 15.84 4.29
C ILE A 280 -3.48 17.15 4.14
N MET A 281 -2.61 17.24 3.14
CA MET A 281 -1.90 18.48 2.88
C MET A 281 -2.88 19.61 2.59
N ASP A 282 -3.91 19.33 1.78
CA ASP A 282 -4.95 20.28 1.40
C ASP A 282 -6.18 20.20 2.32
N HIS A 283 -5.98 19.91 3.61
CA HIS A 283 -7.10 19.64 4.49
C HIS A 283 -8.02 20.85 4.67
N LYS A 284 -7.48 22.08 4.66
CA LYS A 284 -8.33 23.25 4.77
C LYS A 284 -9.38 23.30 3.66
N ASN A 285 -9.16 22.54 2.58
CA ASN A 285 -10.12 22.40 1.50
C ASN A 285 -10.74 21.02 1.39
N SER A 286 -10.00 19.94 1.69
CA SER A 286 -10.57 18.61 1.47
C SER A 286 -11.49 18.18 2.59
N LEU A 287 -11.35 18.76 3.78
CA LEU A 287 -12.26 18.39 4.86
C LEU A 287 -13.65 18.89 4.50
N CYS A 288 -14.60 17.97 4.39
CA CYS A 288 -15.92 18.33 3.87
C CYS A 288 -16.93 17.29 4.34
N PHE A 289 -17.90 17.72 5.20
CA PHE A 289 -18.88 16.76 5.69
C PHE A 289 -19.93 16.44 4.61
N PRO A 290 -20.41 15.20 4.54
CA PRO A 290 -21.51 14.93 3.61
C PRO A 290 -22.77 15.70 4.00
N GLU A 291 -23.59 15.99 2.99
CA GLU A 291 -24.82 16.73 3.28
C GLU A 291 -25.78 15.89 4.12
N ASP A 292 -25.91 14.60 3.83
CA ASP A 292 -26.79 13.74 4.60
C ASP A 292 -26.18 13.28 5.93
N ALA A 293 -25.24 14.04 6.50
CA ALA A 293 -24.49 13.58 7.67
C ALA A 293 -25.38 13.49 8.91
N GLU A 294 -26.11 14.56 9.19
CA GLU A 294 -26.89 14.70 10.43
C GLU A 294 -25.99 14.48 11.65
N ILE A 295 -25.08 15.43 11.82
CA ILE A 295 -24.14 15.47 12.93
C ILE A 295 -24.26 16.83 13.60
N SER A 296 -24.26 16.84 14.93
CA SER A 296 -24.56 18.04 15.69
C SER A 296 -23.58 19.17 15.38
N LYS A 297 -24.03 20.40 15.64
CA LYS A 297 -23.13 21.54 15.54
C LYS A 297 -21.97 21.40 16.50
N HIS A 298 -22.22 20.81 17.67
CA HIS A 298 -21.15 20.68 18.65
C HIS A 298 -20.12 19.65 18.20
N ALA A 299 -20.58 18.52 17.68
CA ALA A 299 -19.67 17.51 17.17
C ALA A 299 -18.89 18.02 15.97
N LYS A 300 -19.57 18.59 14.98
CA LYS A 300 -18.87 19.18 13.85
C LYS A 300 -17.85 20.20 14.33
N ASN A 301 -18.19 20.99 15.34
CA ASN A 301 -17.25 21.99 15.84
C ASN A 301 -15.99 21.31 16.41
N LEU A 302 -16.18 20.30 17.27
CA LEU A 302 -15.01 19.64 17.87
C LEU A 302 -14.16 18.98 16.80
N ILE A 303 -14.80 18.16 15.94
CA ILE A 303 -14.08 17.57 14.81
C ILE A 303 -13.27 18.63 14.06
N CYS A 304 -13.92 19.74 13.73
CA CYS A 304 -13.20 20.77 12.97
C CYS A 304 -12.10 21.43 13.79
N ALA A 305 -12.26 21.51 15.11
CA ALA A 305 -11.24 22.11 15.97
C ALA A 305 -10.01 21.22 16.10
N PHE A 306 -10.18 19.90 15.91
CA PHE A 306 -9.06 18.97 15.93
C PHE A 306 -8.36 18.94 14.57
N LEU A 307 -9.14 18.93 13.49
CA LEU A 307 -8.63 18.76 12.14
C LEU A 307 -8.21 20.09 11.51
N THR A 308 -7.29 20.76 12.20
CA THR A 308 -6.67 22.03 11.82
C THR A 308 -5.17 21.87 11.93
N ASP A 309 -4.45 22.90 11.51
CA ASP A 309 -3.02 22.93 11.75
C ASP A 309 -2.71 23.10 13.24
N ARG A 310 -1.52 22.64 13.61
CA ARG A 310 -1.12 22.62 15.01
C ARG A 310 -1.19 24.00 15.68
N GLU A 311 -0.92 25.07 14.94
CA GLU A 311 -0.86 26.41 15.54
C GLU A 311 -2.20 26.84 16.11
N VAL A 312 -3.30 26.34 15.56
CA VAL A 312 -4.63 26.71 16.01
C VAL A 312 -5.42 25.48 16.42
N ARG A 313 -4.74 24.41 16.83
CA ARG A 313 -5.40 23.15 17.09
C ARG A 313 -5.82 23.04 18.54
N LEU A 314 -7.07 22.60 18.76
CA LEU A 314 -7.57 22.39 20.13
C LEU A 314 -6.73 21.34 20.84
N GLY A 315 -6.24 21.70 22.01
CA GLY A 315 -5.35 20.85 22.78
C GLY A 315 -3.93 21.35 22.80
N ARG A 316 -3.57 22.28 21.90
CA ARG A 316 -2.21 22.79 21.90
C ARG A 316 -1.83 23.32 23.28
N ASN A 317 -2.78 23.92 24.00
CA ASN A 317 -2.50 24.50 25.29
C ASN A 317 -2.69 23.53 26.44
N GLY A 318 -3.01 22.28 26.18
CA GLY A 318 -3.30 21.31 27.21
C GLY A 318 -4.67 20.68 27.03
N VAL A 319 -4.92 19.68 27.88
CA VAL A 319 -6.16 18.93 27.73
C VAL A 319 -7.37 19.61 28.33
N GLU A 320 -7.18 20.57 29.25
CA GLU A 320 -8.33 21.21 29.89
C GLU A 320 -9.22 21.90 28.88
N GLU A 321 -8.63 22.52 27.85
CA GLU A 321 -9.45 23.16 26.83
C GLU A 321 -10.19 22.16 25.96
N ILE A 322 -9.70 20.91 25.88
CA ILE A 322 -10.49 19.85 25.25
C ILE A 322 -11.68 19.46 26.13
N ARG A 323 -11.43 19.29 27.43
CA ARG A 323 -12.44 18.70 28.30
C ARG A 323 -13.69 19.58 28.40
N GLN A 324 -13.52 20.88 28.41
CA GLN A 324 -14.65 21.78 28.56
C GLN A 324 -15.45 21.99 27.28
N HIS A 325 -15.08 21.33 26.19
CA HIS A 325 -15.77 21.56 24.95
C HIS A 325 -17.22 21.10 25.07
N PRO A 326 -18.17 21.89 24.56
CA PRO A 326 -19.59 21.55 24.73
C PRO A 326 -19.99 20.19 24.18
N PHE A 327 -19.30 19.66 23.16
CA PHE A 327 -19.66 18.33 22.67
C PHE A 327 -19.64 17.29 23.78
N PHE A 328 -18.83 17.49 24.81
CA PHE A 328 -18.71 16.55 25.91
C PHE A 328 -19.73 16.79 27.02
N LYS A 329 -20.73 17.64 26.83
CA LYS A 329 -21.77 17.75 27.85
C LYS A 329 -22.63 16.49 27.80
N ASN A 330 -22.83 15.84 28.96
CA ASN A 330 -23.55 14.57 28.98
C ASN A 330 -24.09 14.30 30.38
N ASP A 331 -25.13 13.47 30.43
CA ASP A 331 -25.79 13.08 31.66
C ASP A 331 -25.42 11.67 32.12
N GLN A 332 -24.39 11.06 31.54
CA GLN A 332 -23.98 9.71 31.91
C GLN A 332 -22.73 9.66 32.78
N TRP A 333 -21.70 10.47 32.47
CA TRP A 333 -20.39 10.39 33.14
C TRP A 333 -19.78 11.79 33.27
N HIS A 334 -18.75 11.88 34.11
CA HIS A 334 -17.86 13.03 34.30
C HIS A 334 -16.43 12.67 33.89
N TRP A 335 -15.58 13.69 33.62
CA TRP A 335 -14.16 13.41 33.35
C TRP A 335 -13.47 12.75 34.54
N ASP A 336 -14.00 12.95 35.75
CA ASP A 336 -13.40 12.48 36.99
C ASP A 336 -13.58 10.98 37.22
N ASN A 337 -14.61 10.37 36.62
CA ASN A 337 -15.06 9.04 37.00
C ASN A 337 -15.45 8.19 35.81
N ILE A 338 -15.13 8.63 34.58
CA ILE A 338 -15.73 8.03 33.41
C ILE A 338 -15.47 6.53 33.33
N ARG A 339 -14.30 6.07 33.78
CA ARG A 339 -14.00 4.65 33.66
C ARG A 339 -14.70 3.81 34.72
N GLU A 340 -15.32 4.43 35.72
CA GLU A 340 -16.07 3.74 36.73
C GLU A 340 -17.57 3.78 36.46
N THR A 341 -17.98 4.29 35.31
CA THR A 341 -19.37 4.33 34.89
C THR A 341 -19.57 3.28 33.80
N ALA A 342 -20.83 3.06 33.43
CA ALA A 342 -21.16 2.00 32.51
C ALA A 342 -20.81 2.37 31.07
N ALA A 343 -20.10 1.48 30.39
CA ALA A 343 -19.73 1.70 29.00
C ALA A 343 -20.94 1.58 28.09
N PRO A 344 -20.89 2.19 26.90
CA PRO A 344 -22.02 2.07 25.97
C PRO A 344 -22.30 0.64 25.53
N VAL A 345 -21.26 -0.17 25.35
CA VAL A 345 -21.40 -1.56 24.93
C VAL A 345 -20.65 -2.40 25.94
N VAL A 346 -21.37 -3.12 26.79
CA VAL A 346 -20.71 -4.10 27.65
C VAL A 346 -20.64 -5.41 26.87
N PRO A 347 -19.46 -6.04 26.80
CA PRO A 347 -19.35 -7.28 26.01
C PRO A 347 -19.97 -8.45 26.77
N GLU A 348 -20.84 -9.19 26.10
CA GLU A 348 -21.34 -10.47 26.62
C GLU A 348 -20.34 -11.55 26.24
N LEU A 349 -19.62 -12.08 27.21
CA LEU A 349 -18.54 -13.02 26.92
C LEU A 349 -18.93 -14.42 27.36
N SER A 350 -18.81 -15.38 26.43
CA SER A 350 -19.24 -16.75 26.70
C SER A 350 -18.16 -17.60 27.35
N SER A 351 -16.88 -17.27 27.15
CA SER A 351 -15.78 -17.98 27.81
C SER A 351 -14.64 -17.00 28.03
N ASP A 352 -13.66 -17.43 28.85
CA ASP A 352 -12.43 -16.65 28.99
C ASP A 352 -11.54 -16.68 27.75
N ILE A 353 -11.95 -17.34 26.68
CA ILE A 353 -11.22 -17.29 25.42
C ILE A 353 -12.24 -17.01 24.31
N ASP A 354 -13.39 -16.49 24.71
CA ASP A 354 -14.33 -15.94 23.73
C ASP A 354 -13.59 -14.91 22.89
N SER A 355 -13.46 -15.16 21.59
CA SER A 355 -12.83 -14.21 20.70
C SER A 355 -13.77 -13.66 19.64
N SER A 356 -15.09 -13.70 19.91
CA SER A 356 -16.11 -13.29 18.94
C SER A 356 -16.04 -11.81 18.54
N ASN A 357 -15.38 -10.95 19.31
CA ASN A 357 -15.25 -9.56 18.91
C ASN A 357 -13.97 -9.27 18.09
N PHE A 358 -13.31 -10.30 17.57
CA PHE A 358 -12.19 -10.11 16.65
C PHE A 358 -12.50 -10.85 15.35
N ASP A 359 -12.35 -10.16 14.22
CA ASP A 359 -12.43 -10.84 12.94
C ASP A 359 -11.38 -11.95 12.86
N ASP A 360 -11.65 -12.94 12.03
CA ASP A 360 -10.68 -14.00 11.82
C ASP A 360 -9.55 -13.46 10.96
N ILE A 361 -8.42 -14.17 10.98
CA ILE A 361 -7.26 -13.75 10.22
C ILE A 361 -6.68 -14.91 9.43
N GLU A 369 10.21 -16.95 6.69
CA GLU A 369 11.58 -17.04 6.21
C GLU A 369 12.60 -16.84 7.33
N THR A 370 13.75 -17.50 7.20
CA THR A 370 14.70 -17.64 8.27
C THR A 370 16.02 -16.94 7.93
N PHE A 371 16.87 -16.77 8.94
CA PHE A 371 18.13 -16.10 8.76
C PHE A 371 19.08 -16.97 7.92
N PRO A 372 19.86 -16.37 7.02
CA PRO A 372 20.86 -17.17 6.29
C PRO A 372 22.02 -17.52 7.20
N ILE A 373 22.49 -18.76 7.08
CA ILE A 373 23.60 -19.28 7.88
C ILE A 373 24.80 -18.38 7.64
N PRO A 374 25.38 -17.79 8.68
CA PRO A 374 26.45 -16.82 8.45
C PRO A 374 27.78 -17.49 8.08
N LYS A 375 28.57 -16.76 7.31
CA LYS A 375 29.94 -17.16 7.03
C LYS A 375 30.92 -16.57 8.04
N ALA A 376 30.64 -15.37 8.53
CA ALA A 376 31.36 -14.77 9.64
C ALA A 376 30.34 -14.28 10.64
N PHE A 377 30.85 -13.80 11.78
CA PHE A 377 29.98 -13.31 12.84
C PHE A 377 29.25 -12.08 12.35
N VAL A 378 27.92 -12.13 12.41
CA VAL A 378 27.08 -11.05 11.95
C VAL A 378 26.41 -10.32 13.12
N GLY A 379 26.05 -11.06 14.17
CA GLY A 379 25.42 -10.51 15.35
C GLY A 379 23.95 -10.13 15.17
N ASN A 380 23.16 -10.97 14.51
CA ASN A 380 21.76 -10.61 14.30
C ASN A 380 20.95 -10.65 15.58
N GLN A 381 21.42 -11.35 16.61
CA GLN A 381 20.70 -11.47 17.86
C GLN A 381 21.02 -10.35 18.83
N LEU A 382 22.03 -9.54 18.54
CA LEU A 382 22.47 -8.46 19.40
C LEU A 382 21.43 -7.34 19.54
N PRO A 383 20.70 -6.93 18.50
CA PRO A 383 19.69 -5.88 18.69
C PRO A 383 18.59 -6.24 19.69
N PHE A 384 18.47 -7.51 20.10
CA PHE A 384 17.36 -7.95 20.93
C PHE A 384 17.78 -8.29 22.35
N ILE A 385 19.04 -8.03 22.70
CA ILE A 385 19.53 -8.25 24.05
C ILE A 385 18.89 -7.25 25.01
N GLY A 386 18.33 -7.76 26.11
CA GLY A 386 17.65 -6.96 27.11
C GLY A 386 16.15 -6.91 26.95
N PHE A 387 15.59 -7.65 26.00
CA PHE A 387 14.16 -7.59 25.75
C PHE A 387 13.37 -8.42 26.76
N THR A 388 13.92 -9.56 27.16
CA THR A 388 13.28 -10.41 28.16
C THR A 388 12.95 -9.63 29.41
N TYR A 389 11.74 -9.85 29.97
CA TYR A 389 11.34 -9.16 31.19
C TYR A 389 10.41 -10.06 32.00
N TYR A 390 10.71 -10.17 33.30
CA TYR A 390 10.10 -11.10 34.26
C TYR A 390 10.23 -12.56 33.81
N LYS B 3 -29.12 5.46 -38.93
CA LYS B 3 -28.53 6.31 -37.90
C LYS B 3 -28.26 5.53 -36.61
N LEU B 4 -29.32 4.94 -36.04
CA LEU B 4 -29.13 3.97 -34.97
C LEU B 4 -28.38 2.75 -35.49
N GLU B 5 -28.78 2.25 -36.67
CA GLU B 5 -28.03 1.17 -37.27
C GLU B 5 -26.58 1.56 -37.49
N ALA B 6 -26.29 2.87 -37.59
CA ALA B 6 -24.91 3.35 -37.72
C ALA B 6 -24.10 3.15 -36.45
N LEU B 7 -24.71 3.40 -35.27
CA LEU B 7 -23.97 3.21 -34.02
C LEU B 7 -23.79 1.73 -33.68
N ILE B 8 -24.69 0.86 -34.13
CA ILE B 8 -24.53 -0.54 -33.81
C ILE B 8 -23.41 -1.18 -34.62
N ARG B 9 -23.20 -0.73 -35.87
CA ARG B 9 -22.17 -1.36 -36.67
C ARG B 9 -20.79 -0.77 -36.40
N ASP B 10 -20.71 0.32 -35.65
CA ASP B 10 -19.43 0.93 -35.33
C ASP B 10 -18.73 0.12 -34.24
N PRO B 11 -17.56 -0.48 -34.51
CA PRO B 11 -16.90 -1.28 -33.46
C PRO B 11 -16.45 -0.46 -32.28
N ARG B 12 -16.39 0.87 -32.43
CA ARG B 12 -16.03 1.77 -31.35
C ARG B 12 -17.20 2.11 -30.44
N SER B 13 -18.44 1.86 -30.87
CA SER B 13 -19.57 2.26 -30.06
C SER B 13 -19.73 1.29 -28.89
N PRO B 14 -20.15 1.77 -27.72
CA PRO B 14 -20.47 0.85 -26.61
C PRO B 14 -21.67 -0.04 -26.87
N ILE B 15 -22.49 0.26 -27.89
CA ILE B 15 -23.68 -0.54 -28.14
C ILE B 15 -23.53 -1.25 -29.46
N ASN B 16 -22.34 -1.74 -29.76
CA ASN B 16 -22.27 -2.58 -30.95
C ASN B 16 -22.77 -3.97 -30.61
N VAL B 17 -22.86 -4.83 -31.62
CA VAL B 17 -23.53 -6.12 -31.42
C VAL B 17 -22.81 -6.95 -30.37
N GLU B 18 -21.46 -7.01 -30.41
CA GLU B 18 -20.76 -7.85 -29.44
C GLU B 18 -20.99 -7.33 -28.01
N SER B 19 -21.18 -6.02 -27.87
CA SER B 19 -21.39 -5.45 -26.56
C SER B 19 -22.81 -5.71 -26.08
N LEU B 20 -23.77 -5.70 -27.00
CA LEU B 20 -25.12 -6.14 -26.68
C LEU B 20 -25.12 -7.58 -26.25
N LEU B 21 -24.36 -8.42 -26.94
CA LEU B 21 -24.25 -9.82 -26.56
C LEU B 21 -23.62 -9.95 -25.17
N ASP B 22 -22.64 -9.10 -24.85
CA ASP B 22 -22.12 -9.08 -23.48
C ASP B 22 -23.24 -8.75 -22.49
N GLY B 23 -24.06 -7.76 -22.80
CA GLY B 23 -25.14 -7.38 -21.92
C GLY B 23 -26.09 -8.54 -21.62
N LEU B 24 -26.60 -9.18 -22.67
CA LEU B 24 -27.53 -10.29 -22.46
C LEU B 24 -26.85 -11.44 -21.74
N ASN B 25 -25.57 -11.72 -22.08
CA ASN B 25 -24.91 -12.82 -21.41
C ASN B 25 -24.61 -12.50 -19.96
N SER B 26 -24.18 -11.27 -19.68
CA SER B 26 -23.90 -10.92 -18.30
C SER B 26 -25.18 -10.89 -17.47
N LEU B 27 -26.26 -10.32 -18.01
CA LEU B 27 -27.54 -10.28 -17.30
C LEU B 27 -27.98 -11.70 -16.94
N VAL B 28 -27.90 -12.63 -17.90
CA VAL B 28 -28.29 -14.01 -17.64
C VAL B 28 -27.44 -14.60 -16.52
N LEU B 29 -26.13 -14.40 -16.59
CA LEU B 29 -25.25 -14.88 -15.54
C LEU B 29 -25.66 -14.31 -14.19
N ASP B 30 -25.99 -13.03 -14.14
CA ASP B 30 -26.18 -12.36 -12.87
C ASP B 30 -27.53 -12.65 -12.24
N LEU B 31 -28.48 -13.22 -12.98
CA LEU B 31 -29.78 -13.61 -12.43
C LEU B 31 -29.87 -15.08 -12.06
N ASP B 32 -29.20 -15.96 -12.80
CA ASP B 32 -29.36 -17.41 -12.70
C ASP B 32 -28.73 -17.93 -11.41
N PHE B 33 -29.47 -17.78 -10.32
CA PHE B 33 -29.19 -18.28 -8.99
C PHE B 33 -30.53 -18.56 -8.33
N PRO B 34 -30.65 -19.65 -7.57
CA PRO B 34 -31.97 -20.04 -7.05
C PRO B 34 -32.63 -18.98 -6.18
N ALA B 35 -31.86 -18.23 -5.40
CA ALA B 35 -32.46 -17.14 -4.62
C ALA B 35 -33.19 -16.16 -5.53
N LEU B 36 -32.48 -15.57 -6.50
CA LEU B 36 -33.10 -14.60 -7.38
C LEU B 36 -34.17 -15.23 -8.26
N ARG B 37 -34.03 -16.53 -8.55
CA ARG B 37 -35.00 -17.19 -9.42
C ARG B 37 -36.33 -17.44 -8.74
N LYS B 38 -36.42 -17.28 -7.42
CA LYS B 38 -37.73 -17.28 -6.78
C LYS B 38 -38.60 -16.13 -7.31
N ASN B 39 -37.97 -15.06 -7.78
CA ASN B 39 -38.68 -13.97 -8.45
C ASN B 39 -39.21 -14.45 -9.81
N LYS B 40 -40.53 -14.33 -10.02
CA LYS B 40 -41.14 -14.89 -11.23
C LYS B 40 -40.67 -14.15 -12.49
N ASN B 41 -40.56 -12.81 -12.42
CA ASN B 41 -39.97 -12.06 -13.53
C ASN B 41 -38.61 -12.62 -13.93
N ILE B 42 -37.72 -12.77 -12.96
CA ILE B 42 -36.38 -13.28 -13.24
C ILE B 42 -36.45 -14.67 -13.81
N ASP B 43 -37.21 -15.56 -13.17
CA ASP B 43 -37.28 -16.94 -13.64
C ASP B 43 -37.90 -17.03 -15.02
N ASN B 44 -38.96 -16.26 -15.26
CA ASN B 44 -39.61 -16.28 -16.56
C ASN B 44 -38.68 -15.83 -17.67
N PHE B 45 -37.80 -14.88 -17.36
CA PHE B 45 -36.85 -14.40 -18.34
C PHE B 45 -35.80 -15.45 -18.64
N LEU B 46 -35.32 -16.15 -17.61
CA LEU B 46 -34.22 -17.09 -17.81
C LEU B 46 -34.69 -18.28 -18.65
N ASN B 47 -35.91 -18.75 -18.43
CA ASN B 47 -36.42 -19.88 -19.21
C ASN B 47 -36.50 -19.51 -20.70
N ARG B 48 -36.92 -18.29 -21.00
CA ARG B 48 -36.94 -17.87 -22.40
C ARG B 48 -35.53 -17.84 -23.00
N TYR B 49 -34.53 -17.42 -22.23
CA TYR B 49 -33.24 -17.08 -22.81
C TYR B 49 -32.10 -18.01 -22.46
N GLU B 50 -32.24 -18.88 -21.46
CA GLU B 50 -31.09 -19.60 -20.94
C GLU B 50 -30.42 -20.42 -22.02
N LYS B 51 -31.19 -21.18 -22.81
CA LYS B 51 -30.61 -22.07 -23.81
C LYS B 51 -29.84 -21.29 -24.87
N ILE B 52 -30.49 -20.27 -25.44
CA ILE B 52 -29.87 -19.53 -26.54
C ILE B 52 -28.63 -18.78 -26.06
N VAL B 53 -28.68 -18.24 -24.84
CA VAL B 53 -27.53 -17.49 -24.34
C VAL B 53 -26.38 -18.44 -24.03
N LYS B 54 -26.69 -19.64 -23.53
CA LYS B 54 -25.62 -20.60 -23.26
C LYS B 54 -25.07 -21.19 -24.55
N LYS B 55 -25.91 -21.26 -25.60
CA LYS B 55 -25.43 -21.63 -26.93
C LYS B 55 -24.49 -20.57 -27.48
N ILE B 56 -24.83 -19.28 -27.31
CA ILE B 56 -23.97 -18.20 -27.79
C ILE B 56 -22.63 -18.25 -27.08
N ARG B 57 -22.63 -18.66 -25.81
CA ARG B 57 -21.39 -18.74 -25.04
C ARG B 57 -20.41 -19.72 -25.64
N GLY B 58 -20.91 -20.82 -26.21
CA GLY B 58 -20.02 -21.79 -26.81
C GLY B 58 -19.23 -21.21 -27.96
N LEU B 59 -19.83 -20.30 -28.72
CA LEU B 59 -19.20 -19.73 -29.91
C LEU B 59 -18.19 -18.65 -29.55
N GLN B 60 -18.12 -18.25 -28.29
CA GLN B 60 -17.22 -17.19 -27.87
C GLN B 60 -15.79 -17.70 -27.70
N MET B 61 -14.83 -16.82 -27.98
CA MET B 61 -13.42 -17.13 -27.74
C MET B 61 -13.20 -17.42 -26.26
N LYS B 62 -12.37 -18.43 -25.99
CA LYS B 62 -12.16 -18.93 -24.64
C LYS B 62 -10.67 -19.04 -24.34
N ALA B 63 -10.36 -19.02 -23.05
CA ALA B 63 -8.98 -19.20 -22.61
C ALA B 63 -8.43 -20.55 -23.06
N GLU B 64 -9.28 -21.58 -23.08
CA GLU B 64 -8.86 -22.92 -23.50
C GLU B 64 -8.43 -22.95 -24.95
N ASP B 65 -8.70 -21.90 -25.73
CA ASP B 65 -8.21 -21.81 -27.10
C ASP B 65 -6.71 -21.56 -27.17
N TYR B 66 -6.07 -21.35 -26.03
CA TYR B 66 -4.66 -20.98 -26.01
C TYR B 66 -3.86 -21.95 -25.16
N ASP B 67 -2.60 -22.13 -25.53
CA ASP B 67 -1.61 -22.76 -24.67
C ASP B 67 -0.88 -21.68 -23.89
N VAL B 68 -0.79 -21.85 -22.57
CA VAL B 68 0.00 -20.94 -21.76
C VAL B 68 1.45 -21.43 -21.80
N VAL B 69 2.32 -20.61 -22.39
CA VAL B 69 3.70 -21.03 -22.54
C VAL B 69 4.48 -20.74 -21.26
N LYS B 70 4.27 -19.55 -20.68
CA LYS B 70 4.83 -19.15 -19.39
C LYS B 70 4.30 -17.77 -19.05
N VAL B 71 4.37 -17.44 -17.78
CA VAL B 71 3.97 -16.13 -17.31
C VAL B 71 5.14 -15.17 -17.53
N ILE B 72 4.89 -14.06 -18.20
CA ILE B 72 5.95 -13.10 -18.50
C ILE B 72 5.71 -11.73 -17.87
N GLY B 73 4.61 -11.54 -17.15
CA GLY B 73 4.31 -10.29 -16.47
C GLY B 73 3.20 -10.44 -15.42
N ARG B 74 3.24 -9.62 -14.39
CA ARG B 74 2.23 -9.64 -13.33
C ARG B 74 1.89 -8.19 -12.99
N GLY B 75 0.71 -8.04 -12.39
CA GLY B 75 0.20 -6.74 -11.98
C GLY B 75 -0.80 -6.89 -10.87
N ALA B 76 -1.39 -5.77 -10.47
CA ALA B 76 -2.30 -5.75 -9.34
C ALA B 76 -3.45 -6.76 -9.49
N PHE B 77 -4.05 -6.84 -10.68
CA PHE B 77 -5.27 -7.63 -10.84
C PHE B 77 -5.14 -8.79 -11.81
N GLY B 78 -3.92 -9.15 -12.23
CA GLY B 78 -3.74 -10.29 -13.10
C GLY B 78 -2.30 -10.41 -13.56
N GLU B 79 -2.10 -11.15 -14.64
CA GLU B 79 -0.79 -11.43 -15.17
C GLU B 79 -0.80 -11.32 -16.69
N VAL B 80 0.40 -11.30 -17.29
CA VAL B 80 0.56 -11.40 -18.73
C VAL B 80 1.21 -12.74 -19.03
N GLN B 81 0.61 -13.48 -19.98
CA GLN B 81 1.09 -14.80 -20.36
C GLN B 81 1.58 -14.78 -21.79
N LEU B 82 2.67 -15.50 -22.02
CA LEU B 82 3.03 -15.87 -23.38
C LEU B 82 2.17 -17.05 -23.79
N VAL B 83 1.35 -16.86 -24.83
CA VAL B 83 0.38 -17.87 -25.23
C VAL B 83 0.58 -18.18 -26.71
N ARG B 84 0.17 -19.38 -27.08
CA ARG B 84 0.10 -19.81 -28.46
C ARG B 84 -1.34 -20.23 -28.74
N HIS B 85 -1.91 -19.66 -29.80
CA HIS B 85 -3.26 -20.04 -30.21
C HIS B 85 -3.22 -21.47 -30.74
N LYS B 86 -4.02 -22.36 -30.14
CA LYS B 86 -3.91 -23.77 -30.47
C LYS B 86 -4.16 -24.03 -31.95
N ALA B 87 -5.28 -23.54 -32.47
CA ALA B 87 -5.63 -23.80 -33.87
C ALA B 87 -4.57 -23.26 -34.82
N SER B 88 -4.25 -21.96 -34.71
CA SER B 88 -3.36 -21.31 -35.68
C SER B 88 -1.89 -21.42 -35.34
N GLN B 89 -1.54 -21.75 -34.10
CA GLN B 89 -0.17 -21.85 -33.59
C GLN B 89 0.58 -20.52 -33.52
N LYS B 90 -0.09 -19.37 -33.71
CA LYS B 90 0.54 -18.07 -33.59
C LYS B 90 0.74 -17.67 -32.12
N VAL B 91 1.69 -16.77 -31.91
CA VAL B 91 2.19 -16.43 -30.58
C VAL B 91 1.79 -15.00 -30.22
N TYR B 92 1.24 -14.84 -29.01
CA TYR B 92 0.77 -13.55 -28.53
C TYR B 92 1.08 -13.41 -27.05
N ALA B 93 1.01 -12.16 -26.59
CA ALA B 93 0.99 -11.80 -25.17
C ALA B 93 -0.46 -11.62 -24.74
N MET B 94 -0.87 -12.34 -23.71
CA MET B 94 -2.26 -12.28 -23.23
C MET B 94 -2.26 -11.75 -21.80
N LYS B 95 -2.97 -10.66 -21.58
CA LYS B 95 -3.14 -10.05 -20.27
C LYS B 95 -4.49 -10.45 -19.69
N LEU B 96 -4.47 -11.00 -18.46
CA LEU B 96 -5.66 -11.41 -17.73
C LEU B 96 -5.93 -10.46 -16.58
N LEU B 97 -7.20 -10.13 -16.35
CA LEU B 97 -7.60 -9.32 -15.21
C LEU B 97 -8.66 -10.06 -14.42
N SER B 98 -8.42 -10.22 -13.12
CA SER B 98 -9.35 -10.95 -12.27
C SER B 98 -10.59 -10.10 -11.98
N LYS B 99 -11.77 -10.62 -12.35
CA LYS B 99 -13.02 -9.92 -12.04
C LYS B 99 -13.27 -9.91 -10.53
N PHE B 100 -13.06 -11.04 -9.86
CA PHE B 100 -13.21 -11.11 -8.41
C PHE B 100 -12.28 -10.12 -7.73
N GLU B 101 -11.01 -10.11 -8.13
CA GLU B 101 -10.06 -9.17 -7.56
C GLU B 101 -10.49 -7.73 -7.79
N MET B 102 -11.00 -7.44 -8.99
CA MET B 102 -11.37 -6.07 -9.31
C MET B 102 -12.63 -5.64 -8.56
N ILE B 103 -13.55 -6.57 -8.34
CA ILE B 103 -14.75 -6.27 -7.56
C ILE B 103 -14.38 -6.06 -6.11
N LYS B 104 -13.67 -7.02 -5.52
CA LYS B 104 -13.21 -6.94 -4.13
C LYS B 104 -12.61 -5.59 -3.80
N ARG B 105 -11.73 -5.08 -4.65
CA ARG B 105 -11.07 -3.82 -4.36
C ARG B 105 -11.73 -2.63 -5.05
N SER B 106 -13.01 -2.76 -5.41
CA SER B 106 -13.78 -1.71 -6.08
C SER B 106 -13.00 -0.96 -7.16
N ASP B 107 -12.17 -1.67 -7.92
CA ASP B 107 -11.38 -1.06 -8.98
C ASP B 107 -11.69 -1.82 -10.27
N SER B 108 -12.85 -1.53 -10.87
CA SER B 108 -13.37 -2.33 -11.97
C SER B 108 -13.60 -1.51 -13.24
N ALA B 109 -12.83 -0.46 -13.42
CA ALA B 109 -13.04 0.40 -14.59
C ALA B 109 -11.75 1.02 -15.11
N PHE B 110 -10.58 0.59 -14.65
CA PHE B 110 -9.31 1.20 -15.08
C PHE B 110 -8.92 0.80 -16.50
N PHE B 111 -9.50 -0.28 -17.04
CA PHE B 111 -9.02 -0.94 -18.24
C PHE B 111 -9.63 -0.44 -19.54
N TRP B 112 -10.66 0.41 -19.50
CA TRP B 112 -11.33 0.83 -20.74
C TRP B 112 -10.39 1.61 -21.64
N GLU B 113 -9.61 2.53 -21.08
CA GLU B 113 -8.68 3.29 -21.91
C GLU B 113 -7.67 2.37 -22.59
N GLU B 114 -7.21 1.35 -21.86
CA GLU B 114 -6.27 0.41 -22.44
C GLU B 114 -6.88 -0.32 -23.63
N ARG B 115 -8.10 -0.85 -23.46
CA ARG B 115 -8.77 -1.57 -24.53
C ARG B 115 -8.86 -0.70 -25.79
N ASP B 116 -9.32 0.53 -25.63
CA ASP B 116 -9.58 1.36 -26.80
C ASP B 116 -8.29 1.75 -27.51
N ILE B 117 -7.25 2.07 -26.75
CA ILE B 117 -5.98 2.48 -27.34
C ILE B 117 -5.36 1.32 -28.14
N MET B 118 -5.28 0.14 -27.52
CA MET B 118 -4.66 -0.96 -28.23
C MET B 118 -5.53 -1.47 -29.37
N ALA B 119 -6.85 -1.43 -29.20
CA ALA B 119 -7.69 -1.89 -30.29
C ALA B 119 -7.68 -0.93 -31.47
N PHE B 120 -7.59 0.40 -31.21
CA PHE B 120 -7.94 1.41 -32.21
C PHE B 120 -6.89 2.46 -32.51
N ALA B 121 -5.82 2.57 -31.73
CA ALA B 121 -4.85 3.63 -32.01
C ALA B 121 -4.28 3.49 -33.42
N ASN B 122 -4.09 2.26 -33.87
CA ASN B 122 -3.49 1.97 -35.16
C ASN B 122 -2.28 2.87 -35.37
N SER B 123 -1.35 2.73 -34.43
CA SER B 123 -0.16 3.55 -34.33
C SER B 123 1.05 2.66 -34.13
N PRO B 124 2.17 2.96 -34.79
CA PRO B 124 3.40 2.18 -34.56
C PRO B 124 3.95 2.29 -33.15
N TRP B 125 3.42 3.18 -32.30
CA TRP B 125 3.94 3.39 -30.96
C TRP B 125 3.13 2.69 -29.88
N VAL B 126 1.99 2.08 -30.24
CA VAL B 126 1.07 1.46 -29.29
C VAL B 126 0.93 -0.02 -29.62
N VAL B 127 1.18 -0.87 -28.63
CA VAL B 127 0.95 -2.30 -28.77
C VAL B 127 -0.46 -2.54 -29.26
N GLN B 128 -0.58 -3.31 -30.34
CA GLN B 128 -1.87 -3.53 -30.96
C GLN B 128 -2.62 -4.66 -30.27
N LEU B 129 -3.95 -4.50 -30.16
CA LEU B 129 -4.84 -5.51 -29.60
C LEU B 129 -5.57 -6.27 -30.71
N PHE B 130 -5.49 -7.60 -30.67
CA PHE B 130 -6.26 -8.43 -31.60
C PHE B 130 -7.61 -8.86 -31.03
N TYR B 131 -7.64 -9.25 -29.77
CA TYR B 131 -8.85 -9.76 -29.17
C TYR B 131 -8.98 -9.32 -27.72
N ALA B 132 -10.21 -8.96 -27.35
CA ALA B 132 -10.64 -8.86 -25.96
C ALA B 132 -11.84 -9.77 -25.80
N PHE B 133 -11.82 -10.58 -24.76
CA PHE B 133 -12.95 -11.43 -24.46
C PHE B 133 -12.94 -11.66 -22.96
N GLN B 134 -13.97 -12.34 -22.46
CA GLN B 134 -14.15 -12.51 -21.04
C GLN B 134 -14.88 -13.81 -20.77
N ASP B 135 -14.73 -14.31 -19.55
CA ASP B 135 -15.67 -15.29 -19.03
C ASP B 135 -16.07 -14.83 -17.63
N ASP B 136 -16.78 -15.67 -16.87
CA ASP B 136 -17.32 -15.20 -15.60
C ASP B 136 -16.22 -14.85 -14.61
N ARG B 137 -14.98 -15.26 -14.85
CA ARG B 137 -13.89 -15.00 -13.91
C ARG B 137 -12.91 -13.95 -14.37
N TYR B 138 -12.63 -13.81 -15.68
CA TYR B 138 -11.51 -12.99 -16.14
C TYR B 138 -11.85 -12.17 -17.39
N LEU B 139 -11.18 -11.03 -17.53
CA LEU B 139 -10.98 -10.37 -18.80
C LEU B 139 -9.71 -10.89 -19.48
N TYR B 140 -9.73 -10.93 -20.81
CA TYR B 140 -8.58 -11.37 -21.60
C TYR B 140 -8.25 -10.33 -22.67
N MET B 141 -6.97 -10.01 -22.83
CA MET B 141 -6.53 -9.14 -23.91
C MET B 141 -5.36 -9.79 -24.65
N VAL B 142 -5.60 -10.16 -25.91
CA VAL B 142 -4.61 -10.83 -26.75
C VAL B 142 -3.96 -9.75 -27.60
N MET B 143 -2.68 -9.45 -27.32
CA MET B 143 -1.89 -8.41 -27.97
C MET B 143 -0.76 -9.01 -28.79
N GLU B 144 -0.17 -8.17 -29.62
CA GLU B 144 1.07 -8.55 -30.26
C GLU B 144 2.17 -8.69 -29.22
N TYR B 145 2.90 -9.79 -29.29
CA TYR B 145 4.02 -10.06 -28.38
C TYR B 145 5.19 -9.14 -28.70
N MET B 146 5.77 -8.55 -27.67
CA MET B 146 6.93 -7.67 -27.82
C MET B 146 8.18 -8.32 -27.25
N PRO B 147 8.87 -9.16 -28.03
CA PRO B 147 9.94 -10.00 -27.46
C PRO B 147 11.18 -9.23 -27.01
N GLY B 148 11.34 -7.95 -27.35
CA GLY B 148 12.51 -7.25 -26.88
C GLY B 148 12.55 -7.01 -25.38
N GLY B 149 11.44 -7.22 -24.67
CA GLY B 149 11.32 -6.90 -23.26
C GLY B 149 10.99 -5.42 -23.01
N ASP B 150 10.96 -5.04 -21.71
CA ASP B 150 10.71 -3.67 -21.35
C ASP B 150 12.03 -2.94 -21.10
N LEU B 151 11.93 -1.64 -20.83
CA LEU B 151 13.13 -0.86 -20.61
C LEU B 151 13.73 -1.04 -19.24
N VAL B 152 12.95 -1.54 -18.27
CA VAL B 152 13.54 -1.90 -16.98
C VAL B 152 14.61 -2.95 -17.19
N ASN B 153 14.25 -4.01 -17.91
CA ASN B 153 15.18 -5.09 -18.20
C ASN B 153 16.40 -4.61 -18.97
N LEU B 154 16.23 -3.68 -19.91
CA LEU B 154 17.35 -3.20 -20.68
C LEU B 154 18.36 -2.45 -19.80
N MET B 155 17.87 -1.56 -18.95
CA MET B 155 18.78 -0.85 -18.05
C MET B 155 19.41 -1.80 -17.03
N SER B 156 18.68 -2.85 -16.64
CA SER B 156 19.25 -3.88 -15.78
C SER B 156 20.42 -4.59 -16.43
N ASN B 157 20.53 -4.55 -17.76
CA ASN B 157 21.52 -5.32 -18.48
C ASN B 157 22.50 -4.48 -19.28
N TYR B 158 22.35 -3.15 -19.29
CA TYR B 158 23.30 -2.30 -19.99
C TYR B 158 23.54 -1.05 -19.15
N ASP B 159 24.75 -0.49 -19.28
CA ASP B 159 25.01 0.89 -18.88
C ASP B 159 24.69 1.74 -20.10
N VAL B 160 23.64 2.55 -20.01
CA VAL B 160 23.10 3.16 -21.21
C VAL B 160 23.98 4.33 -21.63
N PRO B 161 24.65 4.25 -22.79
CA PRO B 161 25.39 5.41 -23.27
C PRO B 161 24.41 6.46 -23.74
N GLU B 162 24.87 7.71 -23.78
CA GLU B 162 23.98 8.82 -24.12
C GLU B 162 23.41 8.71 -25.53
N LYS B 163 24.07 7.98 -26.43
CA LYS B 163 23.50 7.79 -27.76
C LYS B 163 22.27 6.91 -27.70
N TRP B 164 22.28 5.88 -26.86
CA TRP B 164 21.09 5.05 -26.69
C TRP B 164 19.98 5.86 -26.03
N ALA B 165 20.31 6.59 -24.98
CA ALA B 165 19.33 7.41 -24.27
C ALA B 165 18.69 8.44 -25.21
N LYS B 166 19.48 9.03 -26.11
CA LYS B 166 18.92 9.92 -27.11
C LYS B 166 17.79 9.24 -27.88
N PHE B 167 18.04 8.02 -28.34
CA PHE B 167 17.10 7.28 -29.19
C PHE B 167 15.81 6.95 -28.43
N TYR B 168 15.94 6.27 -27.28
CA TYR B 168 14.76 5.87 -26.52
C TYR B 168 13.99 7.08 -25.99
N THR B 169 14.69 8.17 -25.66
CA THR B 169 13.97 9.35 -25.22
C THR B 169 13.17 9.95 -26.36
N ALA B 170 13.74 9.96 -27.56
CA ALA B 170 13.01 10.45 -28.71
C ALA B 170 11.80 9.59 -28.99
N GLU B 171 11.98 8.27 -28.98
CA GLU B 171 10.88 7.37 -29.29
C GLU B 171 9.77 7.48 -28.26
N VAL B 172 10.13 7.60 -26.99
CA VAL B 172 9.10 7.78 -25.97
C VAL B 172 8.38 9.10 -26.17
N VAL B 173 9.09 10.15 -26.61
CA VAL B 173 8.44 11.43 -26.83
C VAL B 173 7.41 11.32 -27.97
N LEU B 174 7.80 10.70 -29.08
CA LEU B 174 6.86 10.55 -30.19
C LEU B 174 5.68 9.68 -29.81
N ALA B 175 5.94 8.65 -28.99
CA ALA B 175 4.84 7.77 -28.57
C ALA B 175 3.86 8.52 -27.68
N LEU B 176 4.36 9.32 -26.74
CA LEU B 176 3.48 10.09 -25.87
C LEU B 176 2.68 11.11 -26.69
N ASP B 177 3.36 11.82 -27.58
CA ASP B 177 2.69 12.75 -28.48
C ASP B 177 1.63 12.05 -29.31
N ALA B 178 1.89 10.82 -29.74
CA ALA B 178 0.90 10.05 -30.48
C ALA B 178 -0.35 9.83 -29.63
N ILE B 179 -0.17 9.41 -28.37
CA ILE B 179 -1.35 9.22 -27.54
C ILE B 179 -1.95 10.55 -27.09
N HIS B 180 -1.18 11.64 -27.01
CA HIS B 180 -1.78 12.92 -26.68
C HIS B 180 -2.84 13.31 -27.69
N SER B 181 -2.50 13.21 -28.96
CA SER B 181 -3.36 13.65 -30.02
C SER B 181 -4.50 12.68 -30.28
N MET B 182 -4.54 11.54 -29.59
CA MET B 182 -5.73 10.71 -29.47
C MET B 182 -6.63 11.15 -28.32
N GLY B 183 -6.28 12.24 -27.66
CA GLY B 183 -7.06 12.81 -26.59
C GLY B 183 -6.76 12.33 -25.19
N LEU B 184 -5.66 11.61 -24.99
CA LEU B 184 -5.37 10.97 -23.72
C LEU B 184 -4.08 11.50 -23.11
N ILE B 185 -4.05 11.53 -21.78
CA ILE B 185 -2.85 11.78 -21.02
C ILE B 185 -2.46 10.49 -20.31
N HIS B 186 -1.18 10.15 -20.33
CA HIS B 186 -0.75 8.89 -19.76
C HIS B 186 -0.72 8.96 -18.23
N ARG B 187 -0.02 9.95 -17.69
CA ARG B 187 0.18 10.26 -16.25
C ARG B 187 1.20 9.39 -15.53
N ASP B 188 1.55 8.21 -16.06
CA ASP B 188 2.50 7.34 -15.37
C ASP B 188 3.35 6.55 -16.37
N VAL B 189 4.08 7.25 -17.24
CA VAL B 189 4.95 6.54 -18.19
C VAL B 189 6.24 6.15 -17.46
N LYS B 190 6.55 4.86 -17.51
CA LYS B 190 7.67 4.25 -16.83
C LYS B 190 8.30 3.22 -17.76
N PRO B 191 9.54 2.89 -17.53
CA PRO B 191 10.16 1.81 -18.30
C PRO B 191 9.38 0.49 -18.27
N ASP B 192 8.57 0.24 -17.24
CA ASP B 192 7.68 -0.92 -17.26
C ASP B 192 6.66 -0.85 -18.41
N ASN B 193 6.27 0.36 -18.83
CA ASN B 193 5.31 0.59 -19.91
C ASN B 193 5.95 0.60 -21.28
N MET B 194 7.27 0.60 -21.35
CA MET B 194 7.99 0.77 -22.59
C MET B 194 8.49 -0.59 -23.04
N LEU B 195 7.92 -1.11 -24.12
CA LEU B 195 8.25 -2.44 -24.61
C LEU B 195 9.01 -2.33 -25.92
N LEU B 196 9.78 -3.36 -26.24
CA LEU B 196 10.59 -3.39 -27.46
C LEU B 196 10.13 -4.51 -28.39
N ASP B 197 10.10 -4.23 -29.69
CA ASP B 197 9.62 -5.22 -30.65
C ASP B 197 10.80 -6.04 -31.22
N LYS B 198 10.48 -6.96 -32.15
CA LYS B 198 11.48 -7.82 -32.80
C LYS B 198 12.71 -7.07 -33.27
N HIS B 199 12.56 -5.78 -33.57
CA HIS B 199 13.62 -4.95 -34.11
C HIS B 199 14.23 -4.01 -33.09
N GLY B 200 13.78 -4.05 -31.84
CA GLY B 200 14.34 -3.19 -30.82
C GLY B 200 13.71 -1.82 -30.75
N HIS B 201 12.58 -1.61 -31.41
CA HIS B 201 11.90 -0.33 -31.37
C HIS B 201 10.78 -0.36 -30.32
N LEU B 202 10.48 0.83 -29.81
CA LEU B 202 9.65 1.00 -28.64
C LEU B 202 8.18 0.98 -29.01
N LYS B 203 7.37 0.35 -28.16
CA LYS B 203 5.93 0.54 -28.15
C LYS B 203 5.49 0.64 -26.71
N LEU B 204 4.46 1.45 -26.45
CA LEU B 204 3.87 1.57 -25.10
C LEU B 204 2.81 0.50 -24.87
N ALA B 205 2.63 0.08 -23.59
CA ALA B 205 1.80 -1.12 -23.40
C ALA B 205 0.80 -1.09 -22.26
N ASP B 206 1.06 -0.43 -21.15
CA ASP B 206 0.18 -0.55 -20.00
C ASP B 206 -0.49 0.80 -19.78
N PHE B 207 -1.76 0.90 -20.10
CA PHE B 207 -2.46 2.18 -20.08
C PHE B 207 -3.44 2.29 -18.93
N GLY B 208 -3.06 1.73 -17.78
CA GLY B 208 -3.95 1.73 -16.62
C GLY B 208 -4.20 3.10 -16.04
N THR B 209 -3.21 3.99 -16.08
CA THR B 209 -3.41 5.33 -15.53
C THR B 209 -3.93 6.34 -16.54
N CYS B 210 -4.22 5.96 -17.79
CA CYS B 210 -4.58 7.02 -18.72
C CYS B 210 -6.03 7.45 -18.55
N MET B 211 -6.31 8.65 -19.04
CA MET B 211 -7.58 9.35 -18.84
C MET B 211 -7.78 10.29 -20.03
N LYS B 212 -9.02 10.41 -20.51
CA LYS B 212 -9.29 11.30 -21.64
C LYS B 212 -9.29 12.75 -21.16
N MET B 213 -9.03 13.67 -22.09
CA MET B 213 -8.94 15.10 -21.79
C MET B 213 -10.29 15.78 -21.98
N ASP B 214 -10.43 16.99 -21.41
CA ASP B 214 -11.68 17.77 -21.60
C ASP B 214 -11.81 18.42 -22.98
N ASP B 222 -11.08 11.48 -13.15
CA ASP B 222 -9.74 11.26 -12.58
C ASP B 222 -9.69 9.98 -11.73
N THR B 223 -8.71 9.10 -12.00
CA THR B 223 -8.67 7.77 -11.41
C THR B 223 -7.44 7.61 -10.50
N ALA B 224 -7.37 6.43 -9.88
CA ALA B 224 -6.30 6.08 -8.95
C ALA B 224 -4.97 5.82 -9.64
N VAL B 225 -3.91 6.25 -8.98
CA VAL B 225 -2.55 6.10 -9.47
C VAL B 225 -1.80 5.26 -8.43
N GLY B 226 -0.72 4.62 -8.87
CA GLY B 226 0.04 3.70 -8.03
C GLY B 226 1.25 4.28 -7.34
N THR B 227 2.40 3.66 -7.58
CA THR B 227 3.66 4.10 -7.00
C THR B 227 4.11 5.39 -7.67
N PRO B 228 4.51 6.40 -6.90
CA PRO B 228 4.71 7.76 -7.43
C PRO B 228 6.01 8.05 -8.18
N ASP B 229 6.96 7.12 -8.30
CA ASP B 229 8.33 7.46 -8.72
C ASP B 229 8.40 8.26 -10.02
N TYR B 230 7.53 7.98 -10.97
CA TYR B 230 7.59 8.66 -12.25
C TYR B 230 6.48 9.69 -12.41
N ILE B 231 5.66 9.89 -11.39
CA ILE B 231 4.52 10.80 -11.45
C ILE B 231 4.99 12.22 -11.16
N SER B 232 4.43 13.18 -11.91
CA SER B 232 4.77 14.58 -11.73
C SER B 232 4.12 15.12 -10.46
N PRO B 233 4.71 16.19 -9.88
CA PRO B 233 4.11 16.81 -8.69
C PRO B 233 2.64 17.17 -8.86
N GLU B 234 2.28 17.74 -10.02
CA GLU B 234 0.90 18.21 -10.21
C GLU B 234 -0.09 17.05 -10.21
N VAL B 235 0.27 15.92 -10.84
CA VAL B 235 -0.61 14.76 -10.79
C VAL B 235 -0.69 14.23 -9.36
N LEU B 236 0.44 14.22 -8.66
CA LEU B 236 0.42 13.77 -7.27
C LEU B 236 -0.56 14.59 -6.45
N LYS B 237 -0.53 15.93 -6.62
CA LYS B 237 -1.42 16.76 -5.81
C LYS B 237 -2.88 16.58 -6.19
N SER B 238 -3.19 16.17 -7.41
CA SER B 238 -4.57 16.10 -7.87
C SER B 238 -5.25 14.79 -7.51
N GLN B 239 -4.49 13.85 -6.95
CA GLN B 239 -5.08 12.59 -6.49
C GLN B 239 -6.05 12.82 -5.34
N GLY B 240 -5.83 13.87 -4.55
CA GLY B 240 -6.82 14.20 -3.55
C GLY B 240 -7.37 15.61 -3.69
N GLY B 241 -8.08 15.90 -4.78
CA GLY B 241 -8.41 17.29 -5.05
C GLY B 241 -7.13 18.03 -5.37
N ASP B 242 -7.05 19.31 -5.01
CA ASP B 242 -5.79 20.08 -5.03
C ASP B 242 -5.17 20.15 -6.45
N GLY B 243 -5.94 20.71 -7.38
CA GLY B 243 -5.38 21.09 -8.67
C GLY B 243 -5.80 20.16 -9.79
N PHE B 244 -5.45 20.60 -11.00
CA PHE B 244 -5.66 19.89 -12.26
C PHE B 244 -4.31 19.83 -12.97
N TYR B 245 -4.27 19.17 -14.12
CA TYR B 245 -2.99 19.01 -14.81
C TYR B 245 -3.25 18.88 -16.30
N GLY B 246 -2.18 19.00 -17.08
CA GLY B 246 -2.24 18.86 -18.51
C GLY B 246 -1.32 17.77 -19.03
N ARG B 247 -1.32 17.62 -20.36
CA ARG B 247 -0.51 16.60 -20.99
C ARG B 247 0.97 16.77 -20.66
N GLU B 248 1.37 17.97 -20.18
CA GLU B 248 2.76 18.23 -19.87
C GLU B 248 3.23 17.45 -18.66
N CYS B 249 2.32 16.81 -17.92
CA CYS B 249 2.76 15.92 -16.85
C CYS B 249 3.55 14.75 -17.41
N ASP B 250 3.22 14.32 -18.65
CA ASP B 250 3.96 13.22 -19.26
C ASP B 250 5.43 13.58 -19.53
N TRP B 251 5.73 14.85 -19.81
CA TRP B 251 7.12 15.25 -20.03
C TRP B 251 7.92 15.19 -18.75
N TRP B 252 7.29 15.48 -17.61
CA TRP B 252 7.93 15.29 -16.33
C TRP B 252 8.48 13.88 -16.23
N SER B 253 7.71 12.92 -16.74
CA SER B 253 8.08 11.52 -16.60
C SER B 253 9.14 11.11 -17.59
N VAL B 254 9.30 11.85 -18.68
CA VAL B 254 10.43 11.60 -19.56
C VAL B 254 11.73 12.03 -18.89
N GLY B 255 11.69 13.13 -18.14
CA GLY B 255 12.85 13.55 -17.39
C GLY B 255 13.26 12.53 -16.35
N VAL B 256 12.28 11.96 -15.64
CA VAL B 256 12.60 10.90 -14.70
C VAL B 256 13.19 9.70 -15.43
N PHE B 257 12.63 9.39 -16.60
CA PHE B 257 13.16 8.30 -17.44
C PHE B 257 14.57 8.59 -17.91
N LEU B 258 14.80 9.78 -18.47
CA LEU B 258 16.12 10.11 -18.97
C LEU B 258 17.15 10.08 -17.84
N TYR B 259 16.82 10.71 -16.70
CA TYR B 259 17.70 10.70 -15.53
C TYR B 259 18.08 9.28 -15.12
N GLU B 260 17.08 8.39 -15.03
CA GLU B 260 17.37 7.05 -14.55
C GLU B 260 18.33 6.32 -15.47
N MET B 261 18.16 6.49 -16.79
CA MET B 261 19.02 5.83 -17.77
C MET B 261 20.48 6.27 -17.63
N LEU B 262 20.71 7.58 -17.45
CA LEU B 262 22.08 8.10 -17.37
C LEU B 262 22.67 8.00 -15.98
N VAL B 263 21.85 8.13 -14.94
CA VAL B 263 22.38 8.15 -13.58
C VAL B 263 22.35 6.77 -12.93
N GLY B 264 21.38 5.92 -13.25
CA GLY B 264 21.25 4.61 -12.64
C GLY B 264 20.13 4.48 -11.61
N ASP B 265 19.56 5.57 -11.12
CA ASP B 265 18.42 5.52 -10.21
C ASP B 265 17.44 6.64 -10.53
N THR B 266 16.22 6.46 -10.03
CA THR B 266 15.22 7.51 -10.04
C THR B 266 15.76 8.77 -9.37
N PRO B 267 15.44 9.96 -9.91
CA PRO B 267 15.94 11.19 -9.28
C PRO B 267 15.41 11.45 -7.88
N PHE B 268 14.31 10.82 -7.48
CA PHE B 268 13.68 11.07 -6.20
C PHE B 268 13.45 9.79 -5.44
N TYR B 269 14.35 8.81 -5.62
CA TYR B 269 14.25 7.56 -4.91
C TYR B 269 14.27 7.78 -3.40
N ALA B 270 13.51 6.95 -2.67
CA ALA B 270 13.53 6.91 -1.22
C ALA B 270 13.11 5.53 -0.76
N ASP B 271 13.46 5.18 0.48
CA ASP B 271 13.15 3.84 0.93
C ASP B 271 11.70 3.68 1.38
N SER B 272 10.89 4.74 1.35
CA SER B 272 9.45 4.63 1.60
C SER B 272 8.66 5.35 0.51
N LEU B 273 7.44 4.87 0.29
CA LEU B 273 6.51 5.55 -0.61
C LEU B 273 6.38 7.03 -0.25
N VAL B 274 6.06 7.32 1.01
CA VAL B 274 5.88 8.71 1.44
C VAL B 274 7.17 9.51 1.30
N GLY B 275 8.33 8.85 1.47
CA GLY B 275 9.58 9.56 1.26
C GLY B 275 9.77 9.99 -0.18
N THR B 276 9.43 9.11 -1.13
CA THR B 276 9.48 9.48 -2.54
C THR B 276 8.49 10.61 -2.84
N TYR B 277 7.25 10.47 -2.36
CA TYR B 277 6.24 11.51 -2.51
C TYR B 277 6.77 12.85 -2.03
N SER B 278 7.42 12.86 -0.86
CA SER B 278 7.91 14.13 -0.31
C SER B 278 9.03 14.70 -1.19
N LYS B 279 9.92 13.86 -1.68
CA LYS B 279 11.00 14.34 -2.51
C LYS B 279 10.47 14.91 -3.82
N ILE B 280 9.46 14.27 -4.41
CA ILE B 280 8.92 14.78 -5.67
C ILE B 280 8.31 16.16 -5.47
N MET B 281 7.58 16.35 -4.37
CA MET B 281 7.05 17.67 -4.07
C MET B 281 8.17 18.68 -3.85
N ASP B 282 9.23 18.28 -3.16
CA ASP B 282 10.35 19.17 -2.88
C ASP B 282 11.42 19.07 -3.95
N HIS B 283 11.00 18.88 -5.21
CA HIS B 283 11.96 18.57 -6.26
C HIS B 283 12.96 19.71 -6.45
N LYS B 284 12.51 20.96 -6.27
CA LYS B 284 13.41 22.11 -6.39
C LYS B 284 14.58 22.02 -5.42
N ASN B 285 14.46 21.22 -4.37
CA ASN B 285 15.55 20.97 -3.43
C ASN B 285 16.11 19.56 -3.49
N SER B 286 15.28 18.57 -3.85
CA SER B 286 15.70 17.18 -3.84
C SER B 286 16.46 16.77 -5.08
N LEU B 287 16.26 17.46 -6.21
CA LEU B 287 16.94 17.09 -7.45
C LEU B 287 18.43 17.36 -7.32
N CYS B 288 19.25 16.32 -7.47
CA CYS B 288 20.68 16.42 -7.18
C CYS B 288 21.42 15.30 -7.91
N PHE B 289 22.32 15.68 -8.86
CA PHE B 289 23.08 14.66 -9.58
C PHE B 289 24.27 14.20 -8.75
N PRO B 290 24.61 12.91 -8.78
CA PRO B 290 25.80 12.44 -8.09
C PRO B 290 27.08 13.07 -8.63
N GLU B 291 28.10 13.16 -7.77
CA GLU B 291 29.34 13.81 -8.18
C GLU B 291 30.04 13.03 -9.28
N ASP B 292 30.02 11.70 -9.17
CA ASP B 292 30.60 10.75 -10.10
C ASP B 292 29.74 10.55 -11.34
N ALA B 293 28.95 11.56 -11.70
CA ALA B 293 27.93 11.38 -12.74
C ALA B 293 28.55 11.23 -14.13
N GLU B 294 29.36 12.20 -14.55
CA GLU B 294 29.86 12.27 -15.93
C GLU B 294 28.68 12.17 -16.90
N ILE B 295 27.90 13.24 -16.88
CA ILE B 295 26.72 13.40 -17.71
C ILE B 295 26.90 14.68 -18.51
N SER B 296 26.59 14.63 -19.80
CA SER B 296 26.84 15.79 -20.66
C SER B 296 26.06 17.00 -20.15
N LYS B 297 26.57 18.19 -20.48
CA LYS B 297 25.84 19.41 -20.12
C LYS B 297 24.48 19.44 -20.80
N HIS B 298 24.36 18.86 -21.99
CA HIS B 298 23.08 18.88 -22.67
C HIS B 298 22.09 17.95 -22.00
N ALA B 299 22.53 16.73 -21.67
CA ALA B 299 21.64 15.80 -21.00
C ALA B 299 21.23 16.35 -19.64
N LYS B 300 22.21 16.80 -18.85
CA LYS B 300 21.90 17.48 -17.58
C LYS B 300 20.94 18.63 -17.82
N ASN B 301 21.14 19.39 -18.91
CA ASN B 301 20.24 20.51 -19.16
C ASN B 301 18.81 20.03 -19.41
N LEU B 302 18.65 19.07 -20.33
CA LEU B 302 17.32 18.58 -20.72
C LEU B 302 16.61 17.93 -19.54
N ILE B 303 17.29 17.02 -18.84
CA ILE B 303 16.75 16.45 -17.61
C ILE B 303 16.20 17.57 -16.73
N CYS B 304 17.01 18.61 -16.52
CA CYS B 304 16.60 19.68 -15.62
C CYS B 304 15.46 20.49 -16.21
N ALA B 305 15.38 20.58 -17.54
CA ALA B 305 14.27 21.33 -18.13
C ALA B 305 12.96 20.57 -18.00
N PHE B 306 13.01 19.24 -17.90
CA PHE B 306 11.80 18.45 -17.73
C PHE B 306 11.33 18.43 -16.28
N LEU B 307 12.27 18.32 -15.35
CA LEU B 307 11.96 18.18 -13.92
C LEU B 307 11.84 19.55 -13.24
N THR B 308 10.90 20.35 -13.74
CA THR B 308 10.55 21.67 -13.22
C THR B 308 9.05 21.72 -13.07
N ASP B 309 8.54 22.85 -12.57
CA ASP B 309 7.11 23.02 -12.46
C ASP B 309 6.44 23.09 -13.82
N ARG B 310 5.16 22.76 -13.84
CA ARG B 310 4.41 22.68 -15.09
C ARG B 310 4.52 23.98 -15.89
N GLU B 311 4.34 25.12 -15.22
CA GLU B 311 4.25 26.39 -15.93
C GLU B 311 5.52 26.74 -16.68
N VAL B 312 6.68 26.28 -16.21
CA VAL B 312 7.97 26.58 -16.83
C VAL B 312 8.66 25.31 -17.32
N ARG B 313 7.87 24.27 -17.60
CA ARG B 313 8.45 22.97 -17.96
C ARG B 313 8.64 22.86 -19.46
N LEU B 314 9.78 22.31 -19.86
CA LEU B 314 10.01 22.08 -21.28
C LEU B 314 8.89 21.22 -21.84
N GLY B 315 8.23 21.74 -22.87
CA GLY B 315 7.06 21.10 -23.44
C GLY B 315 5.79 21.85 -23.21
N ARG B 316 5.78 22.83 -22.29
CA ARG B 316 4.56 23.62 -22.10
C ARG B 316 4.14 24.28 -23.41
N ASN B 317 5.11 24.76 -24.18
CA ASN B 317 4.87 25.48 -25.43
C ASN B 317 4.70 24.54 -26.63
N GLY B 318 4.61 23.24 -26.39
CA GLY B 318 4.40 22.27 -27.43
C GLY B 318 5.58 21.33 -27.54
N VAL B 319 5.36 20.26 -28.31
CA VAL B 319 6.38 19.23 -28.44
C VAL B 319 7.51 19.68 -29.35
N GLU B 320 7.31 20.73 -30.14
CA GLU B 320 8.38 21.21 -31.00
C GLU B 320 9.61 21.65 -30.19
N GLU B 321 9.40 22.37 -29.09
CA GLU B 321 10.54 22.81 -28.29
C GLU B 321 11.28 21.66 -27.61
N ILE B 322 10.62 20.53 -27.39
CA ILE B 322 11.36 19.35 -26.95
C ILE B 322 12.29 18.89 -28.07
N ARG B 323 11.76 18.82 -29.29
CA ARG B 323 12.52 18.29 -30.41
C ARG B 323 13.76 19.14 -30.68
N GLN B 324 13.67 20.45 -30.47
CA GLN B 324 14.79 21.32 -30.77
C GLN B 324 15.89 21.27 -29.73
N HIS B 325 15.76 20.48 -28.68
CA HIS B 325 16.78 20.52 -27.65
C HIS B 325 18.09 19.92 -28.14
N PRO B 326 19.21 20.59 -27.91
CA PRO B 326 20.49 20.12 -28.46
C PRO B 326 20.86 18.70 -28.06
N PHE B 327 20.35 18.19 -26.94
CA PHE B 327 20.69 16.83 -26.55
C PHE B 327 20.34 15.81 -27.64
N PHE B 328 19.34 16.11 -28.47
CA PHE B 328 18.91 15.19 -29.52
C PHE B 328 19.72 15.35 -30.80
N LYS B 329 20.78 16.16 -30.82
CA LYS B 329 21.61 16.25 -32.00
C LYS B 329 22.37 14.95 -32.17
N ASN B 330 22.28 14.36 -33.36
CA ASN B 330 22.92 13.07 -33.53
C ASN B 330 23.11 12.80 -35.02
N ASP B 331 24.04 11.89 -35.30
CA ASP B 331 24.39 11.52 -36.66
C ASP B 331 23.74 10.21 -37.08
N GLN B 332 22.76 9.72 -36.32
CA GLN B 332 22.10 8.45 -36.61
C GLN B 332 20.69 8.58 -37.16
N TRP B 333 19.86 9.49 -36.64
CA TRP B 333 18.44 9.50 -36.98
C TRP B 333 17.91 10.92 -37.01
N HIS B 334 16.74 11.07 -37.61
CA HIS B 334 15.95 12.29 -37.62
C HIS B 334 14.65 12.07 -36.86
N TRP B 335 14.04 13.17 -36.39
CA TRP B 335 12.71 13.05 -35.80
C TRP B 335 11.72 12.53 -36.81
N ASP B 336 12.01 12.71 -38.10
CA ASP B 336 11.12 12.30 -39.19
C ASP B 336 11.14 10.80 -39.42
N ASN B 337 12.21 10.11 -39.00
CA ASN B 337 12.40 8.74 -39.47
C ASN B 337 12.96 7.79 -38.43
N ILE B 338 12.98 8.18 -37.15
CA ILE B 338 13.72 7.40 -36.15
C ILE B 338 13.23 5.96 -36.11
N ARG B 339 11.95 5.72 -36.38
CA ARG B 339 11.48 4.34 -36.36
C ARG B 339 11.90 3.55 -37.60
N GLU B 340 12.49 4.22 -38.60
CA GLU B 340 13.04 3.54 -39.77
C GLU B 340 14.53 3.31 -39.67
N THR B 341 15.15 3.69 -38.56
CA THR B 341 16.59 3.58 -38.38
C THR B 341 16.92 2.42 -37.46
N ALA B 342 18.22 2.14 -37.32
CA ALA B 342 18.64 0.95 -36.58
C ALA B 342 18.54 1.19 -35.08
N ALA B 343 17.85 0.29 -34.38
CA ALA B 343 17.73 0.44 -32.94
C ALA B 343 19.04 0.08 -32.25
N PRO B 344 19.26 0.60 -31.05
CA PRO B 344 20.48 0.24 -30.31
C PRO B 344 20.59 -1.25 -29.95
N VAL B 345 19.51 -1.88 -29.53
CA VAL B 345 19.54 -3.26 -29.06
C VAL B 345 18.53 -4.03 -29.89
N VAL B 346 19.00 -4.79 -30.86
CA VAL B 346 18.13 -5.69 -31.60
C VAL B 346 18.16 -7.04 -30.91
N PRO B 347 17.01 -7.64 -30.59
CA PRO B 347 17.00 -8.87 -29.79
C PRO B 347 17.44 -10.09 -30.60
N GLU B 348 18.34 -10.88 -30.01
CA GLU B 348 18.68 -12.20 -30.55
C GLU B 348 17.67 -13.20 -29.98
N LEU B 349 16.78 -13.70 -30.84
CA LEU B 349 15.70 -14.59 -30.42
C LEU B 349 15.90 -15.96 -31.03
N SER B 350 15.71 -17.00 -30.22
CA SER B 350 15.90 -18.38 -30.65
C SER B 350 14.64 -19.05 -31.19
N SER B 351 13.46 -18.65 -30.75
CA SER B 351 12.22 -19.29 -31.21
C SER B 351 11.11 -18.25 -31.19
N ASP B 352 9.96 -18.63 -31.75
CA ASP B 352 8.82 -17.73 -31.60
C ASP B 352 8.30 -17.66 -30.17
N ILE B 353 8.92 -18.37 -29.22
CA ILE B 353 8.49 -18.25 -27.84
C ILE B 353 9.68 -17.93 -26.93
N ASP B 354 10.76 -17.46 -27.54
CA ASP B 354 11.85 -16.91 -26.75
C ASP B 354 11.31 -15.80 -25.86
N SER B 355 11.36 -16.03 -24.54
CA SER B 355 10.97 -15.01 -23.56
C SER B 355 12.16 -14.63 -22.69
N SER B 356 13.38 -14.82 -23.22
CA SER B 356 14.60 -14.60 -22.46
C SER B 356 14.74 -13.17 -21.96
N ASN B 357 14.04 -12.21 -22.57
CA ASN B 357 14.06 -10.82 -22.14
C ASN B 357 12.99 -10.51 -21.11
N PHE B 358 12.40 -11.53 -20.49
CA PHE B 358 11.47 -11.35 -19.37
C PHE B 358 11.97 -12.16 -18.20
N ASP B 359 12.08 -11.52 -17.04
CA ASP B 359 12.35 -12.25 -15.80
C ASP B 359 11.26 -13.28 -15.57
N ASP B 360 11.57 -14.30 -14.80
CA ASP B 360 10.56 -15.28 -14.48
C ASP B 360 9.60 -14.72 -13.41
N ILE B 361 8.45 -15.39 -13.23
CA ILE B 361 7.45 -14.94 -12.29
C ILE B 361 7.09 -16.09 -11.36
N GLU B 362 6.76 -15.74 -10.10
CA GLU B 362 6.33 -16.72 -9.11
C GLU B 362 4.85 -17.07 -9.29
N GLU B 369 -9.82 -18.39 -6.21
CA GLU B 369 -10.76 -17.65 -5.36
C GLU B 369 -11.92 -17.06 -6.18
N THR B 370 -13.14 -17.48 -5.89
CA THR B 370 -14.28 -17.28 -6.78
C THR B 370 -15.43 -16.55 -6.09
N PHE B 371 -16.42 -16.16 -6.90
CA PHE B 371 -17.52 -15.32 -6.43
C PHE B 371 -18.45 -16.08 -5.47
N PRO B 372 -18.95 -15.40 -4.44
CA PRO B 372 -19.98 -15.99 -3.59
C PRO B 372 -21.38 -15.84 -4.20
N ILE B 373 -22.18 -16.89 -4.06
CA ILE B 373 -23.57 -16.95 -4.53
C ILE B 373 -24.41 -15.84 -3.91
N PRO B 374 -25.04 -14.98 -4.71
CA PRO B 374 -25.76 -13.83 -4.14
C PRO B 374 -27.08 -14.24 -3.54
N LYS B 375 -27.52 -13.45 -2.56
CA LYS B 375 -28.86 -13.62 -2.02
C LYS B 375 -29.89 -12.79 -2.80
N ALA B 376 -29.47 -11.63 -3.30
CA ALA B 376 -30.24 -10.78 -4.18
C ALA B 376 -29.37 -10.39 -5.37
N PHE B 377 -29.91 -9.58 -6.28
CA PHE B 377 -29.16 -9.17 -7.46
C PHE B 377 -27.99 -8.27 -7.06
N VAL B 378 -26.77 -8.69 -7.41
CA VAL B 378 -25.56 -7.97 -7.07
C VAL B 378 -24.88 -7.35 -8.28
N GLY B 379 -24.99 -7.97 -9.46
CA GLY B 379 -24.47 -7.40 -10.69
C GLY B 379 -22.96 -7.43 -10.87
N ASN B 380 -22.34 -8.58 -10.62
CA ASN B 380 -20.89 -8.64 -10.71
C ASN B 380 -20.39 -8.60 -12.16
N GLN B 381 -21.23 -9.00 -13.11
CA GLN B 381 -20.84 -9.01 -14.51
C GLN B 381 -21.12 -7.70 -15.24
N LEU B 382 -21.84 -6.77 -14.63
CA LEU B 382 -22.23 -5.52 -15.27
C LEU B 382 -21.06 -4.61 -15.61
N PRO B 383 -20.07 -4.43 -14.72
CA PRO B 383 -18.95 -3.54 -15.08
C PRO B 383 -18.14 -3.98 -16.30
N PHE B 384 -18.35 -5.20 -16.79
CA PHE B 384 -17.55 -5.76 -17.87
C PHE B 384 -18.32 -5.91 -19.17
N ILE B 385 -19.56 -5.40 -19.23
CA ILE B 385 -20.32 -5.37 -20.47
C ILE B 385 -19.66 -4.42 -21.46
N GLY B 386 -19.40 -4.89 -22.67
CA GLY B 386 -18.79 -4.08 -23.70
C GLY B 386 -17.30 -4.25 -23.87
N PHE B 387 -16.70 -5.21 -23.13
CA PHE B 387 -15.26 -5.42 -23.20
C PHE B 387 -14.86 -6.27 -24.41
N THR B 388 -15.68 -7.27 -24.74
CA THR B 388 -15.38 -8.15 -25.86
C THR B 388 -15.10 -7.35 -27.12
N TYR B 389 -14.08 -7.75 -27.85
CA TYR B 389 -13.69 -7.13 -29.11
C TYR B 389 -12.93 -8.12 -29.98
N TYR B 390 -13.29 -8.18 -31.27
CA TYR B 390 -12.64 -9.06 -32.24
C TYR B 390 -12.23 -8.20 -33.42
N ARG B 391 -10.92 -8.18 -33.74
CA ARG B 391 -10.45 -7.37 -34.89
C ARG B 391 -10.74 -8.07 -36.22
#